data_3M62
#
_entry.id   3M62
#
_cell.length_a   65.040
_cell.length_b   126.550
_cell.length_c   180.870
_cell.angle_alpha   90.000
_cell.angle_beta   90.000
_cell.angle_gamma   90.000
#
_symmetry.space_group_name_H-M   'P 21 21 21'
#
loop_
_entity.id
_entity.type
_entity.pdbx_description
1 polymer 'Ubiquitin conjugation factor E4'
2 polymer 'UV excision repair protein RAD23'
3 non-polymer 'PENTAETHYLENE GLYCOL'
4 non-polymer 'POTASSIUM ION'
5 water water
#
loop_
_entity_poly.entity_id
_entity_poly.type
_entity_poly.pdbx_seq_one_letter_code
_entity_poly.pdbx_strand_id
1 'polypeptide(L)'
;GSPEFRSMTAIEDILQITTDPSDTRGYSLLKSEEVPQGSTLGVDFIDTLLLYQLTENEKLDKPFEYLNDCFRRNQQQKRI
TKNKPNAESLHSTFQEIDRLVIGYGVVALQIENFCMNGAFINYITGIVSNVNSYTDFLSQIIQRAILEGTALDLLNAVFP
TLLEYCNKHVSHFDLNESVIYNNVLTIFELFVTFKPIAEIFTKIDGFFADYSCKPQDFERKTILGPILSLSPIEAAVAIR
NYGDNLLRSKQQTAMIHESLQAEHKVVIDRLFFIVDKLVRGSLNSRTDMISYFAHIANKNHLRRADHPPFKELSSNGFMS
NITLLLVRFSQPFLDISYKKIDKIDANYFNNPSLFIDLSGETRLNSDFKEADAFYDKNRKTADSKPNFISDCFFLTLTYL
HYGLGGTLSFEEKMGSEIKALKEEIEKVKKIAANHDVFARFITAQLSKMEKALKTTESLRFALQGFFAHRSLQLEVFDFI
CGASTFLIRVVDPEHEFPFKQIKLPLIPDQIGVENVDNADFLRAHAPVPFKYYPEFVVEGPVNYSLYISKYQTSPIFRNP
RLGSFVEFTTMVLRCPELVSNPHLKGKLVQLLSVGAMPLTDNSPGFMMDIFEHDELVNKNLLYALLDFYVIVEKTGSSSQ
FYDKFNSRYSISIILEELYYKIPSYKNQLIWQSQNNADFFVRFVARMLNDLTFLLDEGLSNLAEVHNIQNELDNRARGAP
PTREEEDKELQTRLASASRQAKSSCGLADKSMKLFEIYSKDIPAAFVTPEIVYRLASMLNYNLESLVGPKCGELKVKDPQ
SYSFNPKDLLKALTTVYINLSEQSEFISAVAKDERSFNRNLFVRAVDILGRKTGLASPEFIEKLLNFANKAEEQRKADEE
EDLEYGDVPDEFLDPLMYTIMKDPVILPASKMNIDRSTIKAHLLSDSTDPFNRMPLKLEDVTPNEELRQKILCFKKQKKE
EAKHKASE
;
A
2 'polypeptide(L)'
;MVSLTFKNFKKEKVPLDLEPSNTILETKTKLAQSISCEESQIKLIYSGKVLQDSKTVSECGLKDGDQVVFMVSQKKSTKT
KVTERDPNSSSVDKLAAALEHHHHHH
;
B
#
# COMPACT_ATOMS: atom_id res chain seq x y z
N SER A 2 -19.46 73.65 -3.42
CA SER A 2 -18.83 73.38 -4.75
C SER A 2 -18.88 71.88 -5.10
N PRO A 3 -18.47 71.51 -6.34
CA PRO A 3 -18.17 70.09 -6.66
C PRO A 3 -16.71 69.73 -6.42
N GLU A 4 -15.88 70.74 -6.12
CA GLU A 4 -14.49 70.55 -5.70
C GLU A 4 -14.47 70.14 -4.21
N PHE A 5 -15.50 70.54 -3.47
CA PHE A 5 -15.89 69.81 -2.26
C PHE A 5 -16.27 68.39 -2.72
N ARG A 6 -17.15 67.69 -1.99
CA ARG A 6 -17.61 66.33 -2.40
C ARG A 6 -16.50 65.33 -2.79
N SER A 7 -15.69 65.68 -3.79
CA SER A 7 -14.48 64.95 -4.14
C SER A 7 -13.54 65.00 -2.95
N MET A 8 -13.04 66.18 -2.59
CA MET A 8 -12.24 66.37 -1.38
C MET A 8 -12.75 65.57 -0.17
N THR A 9 -14.06 65.63 0.08
CA THR A 9 -14.66 64.96 1.25
C THR A 9 -14.90 63.46 1.05
N ALA A 10 -15.15 63.06 -0.19
CA ALA A 10 -15.20 61.62 -0.51
C ALA A 10 -13.83 60.99 -0.27
N ILE A 11 -12.76 61.71 -0.64
CA ILE A 11 -11.38 61.32 -0.33
C ILE A 11 -11.13 61.22 1.18
N GLU A 12 -11.70 62.16 1.93
CA GLU A 12 -11.54 62.18 3.38
C GLU A 12 -12.14 60.93 4.01
N ASP A 13 -13.35 60.57 3.58
CA ASP A 13 -14.10 59.46 4.17
C ASP A 13 -13.54 58.12 3.76
N ILE A 14 -12.89 58.09 2.62
CA ILE A 14 -12.42 56.84 2.05
C ILE A 14 -11.01 56.50 2.52
N LEU A 15 -10.15 57.49 2.69
CA LEU A 15 -8.86 57.21 3.28
C LEU A 15 -8.84 57.48 4.79
N GLN A 16 -9.95 58.03 5.29
CA GLN A 16 -10.06 58.50 6.70
C GLN A 16 -8.89 59.39 7.10
N ILE A 17 -8.86 60.57 6.50
CA ILE A 17 -7.78 61.51 6.73
C ILE A 17 -8.29 62.95 6.53
N THR A 18 -7.74 63.90 7.29
CA THR A 18 -8.05 65.33 7.17
C THR A 18 -6.80 66.14 7.55
N THR A 19 -6.87 67.47 7.51
CA THR A 19 -5.68 68.34 7.71
C THR A 19 -5.76 69.45 8.80
N ASP A 20 -6.88 70.15 8.89
CA ASP A 20 -6.94 71.30 9.81
C ASP A 20 -7.59 71.13 11.19
N PRO A 21 -8.53 70.18 11.35
CA PRO A 21 -9.64 69.39 10.87
C PRO A 21 -10.10 68.68 12.14
N SER A 22 -9.66 69.28 13.27
CA SER A 22 -9.37 68.50 14.47
C SER A 22 -10.65 68.14 15.23
N ASP A 23 -11.62 67.60 14.45
CA ASP A 23 -12.96 67.25 14.97
C ASP A 23 -13.77 66.25 14.14
N THR A 24 -14.29 65.25 14.87
CA THR A 24 -15.55 64.53 14.60
C THR A 24 -15.42 63.01 14.41
N ARG A 25 -14.69 62.57 13.38
CA ARG A 25 -14.55 61.12 13.16
C ARG A 25 -13.10 60.62 13.18
N GLY A 26 -12.92 59.33 13.53
CA GLY A 26 -11.60 58.67 13.61
C GLY A 26 -10.46 59.41 12.93
N TYR A 27 -10.64 59.67 11.63
CA TYR A 27 -9.63 60.23 10.68
C TYR A 27 -8.36 60.78 11.32
N SER A 28 -7.21 60.42 10.76
CA SER A 28 -5.93 60.89 11.29
C SER A 28 -5.64 62.26 10.74
N LEU A 29 -5.34 63.20 11.64
CA LEU A 29 -4.88 64.52 11.27
C LEU A 29 -3.58 64.36 10.50
N LEU A 30 -3.47 65.00 9.33
CA LEU A 30 -2.29 64.77 8.47
C LEU A 30 -1.03 65.47 8.98
N LYS A 31 -0.04 64.62 9.31
CA LYS A 31 1.25 65.07 9.85
C LYS A 31 2.41 64.85 8.86
N SER A 32 3.23 65.87 8.62
CA SER A 32 3.05 67.22 9.16
C SER A 32 3.54 68.17 8.10
N GLU A 33 3.93 67.60 6.96
CA GLU A 33 4.62 68.32 5.90
C GLU A 33 3.79 69.52 5.45
N GLU A 34 4.48 70.62 5.15
CA GLU A 34 3.82 71.82 4.66
C GLU A 34 3.19 71.63 3.27
N VAL A 35 3.86 70.84 2.43
CA VAL A 35 3.33 70.49 1.10
C VAL A 35 1.93 69.82 1.15
N PRO A 36 1.68 68.94 2.15
CA PRO A 36 0.28 68.65 2.41
C PRO A 36 -0.28 69.37 3.64
N GLN A 37 -0.38 70.70 3.54
CA GLN A 37 -1.11 71.50 4.54
C GLN A 37 -2.18 72.33 3.85
N GLY A 38 -2.16 72.27 2.53
CA GLY A 38 -3.04 73.05 1.67
C GLY A 38 -4.47 72.56 1.69
N SER A 39 -5.35 73.32 2.34
CA SER A 39 -6.74 72.90 2.57
C SER A 39 -7.64 73.02 1.33
N THR A 40 -7.26 72.28 0.29
CA THR A 40 -8.18 71.82 -0.73
C THR A 40 -8.14 70.31 -0.49
N LEU A 41 -7.98 69.56 -1.59
CA LEU A 41 -7.59 68.13 -1.62
C LEU A 41 -7.80 67.65 -3.05
N GLY A 42 -8.58 66.59 -3.22
CA GLY A 42 -8.87 66.15 -4.56
C GLY A 42 -7.78 65.30 -5.16
N VAL A 43 -7.92 65.07 -6.46
CA VAL A 43 -7.39 63.90 -7.16
C VAL A 43 -5.86 63.67 -7.14
N ASP A 44 -5.06 64.72 -7.23
CA ASP A 44 -3.62 64.49 -7.34
C ASP A 44 -2.86 64.63 -6.03
N PHE A 45 -3.61 64.73 -4.93
CA PHE A 45 -3.01 64.71 -3.60
C PHE A 45 -3.03 63.29 -3.06
N ILE A 46 -3.70 62.40 -3.79
CA ILE A 46 -3.98 61.06 -3.31
C ILE A 46 -2.75 60.17 -3.11
N ASP A 47 -1.75 60.30 -3.99
CA ASP A 47 -0.46 59.61 -3.81
C ASP A 47 0.18 60.08 -2.52
N THR A 48 0.32 61.40 -2.37
CA THR A 48 0.89 61.98 -1.16
C THR A 48 0.25 61.44 0.12
N LEU A 49 -1.07 61.58 0.21
CA LEU A 49 -1.87 61.05 1.33
C LEU A 49 -1.55 59.60 1.66
N LEU A 50 -1.52 58.75 0.64
CA LEU A 50 -1.28 57.32 0.86
C LEU A 50 0.17 57.04 1.24
N LEU A 51 1.09 57.79 0.65
CA LEU A 51 2.48 57.71 1.08
C LEU A 51 2.62 58.10 2.57
N TYR A 52 1.99 59.20 3.01
CA TYR A 52 1.92 59.53 4.45
C TYR A 52 1.47 58.32 5.26
N GLN A 53 0.25 57.86 5.00
CA GLN A 53 -0.29 56.71 5.70
C GLN A 53 0.71 55.55 5.87
N LEU A 54 1.43 55.22 4.81
CA LEU A 54 2.15 53.96 4.78
C LEU A 54 3.61 54.06 5.21
N THR A 55 4.23 55.20 4.94
CA THR A 55 5.64 55.36 5.26
C THR A 55 5.87 56.26 6.46
N GLU A 56 5.05 57.30 6.59
CA GLU A 56 5.23 58.35 7.60
C GLU A 56 4.87 57.86 8.97
N ASN A 57 3.91 56.95 9.02
CA ASN A 57 3.58 56.16 10.22
C ASN A 57 2.56 56.87 11.02
N GLU A 58 2.69 56.65 12.32
CA GLU A 58 1.74 56.95 13.38
C GLU A 58 1.65 55.57 14.03
N LYS A 59 0.54 55.23 14.66
CA LYS A 59 0.23 53.82 14.69
C LYS A 59 -0.89 53.60 13.71
N LEU A 60 -0.51 53.66 12.44
CA LEU A 60 -1.16 52.87 11.44
C LEU A 60 -0.40 51.57 11.57
N ASP A 61 -0.83 50.74 12.53
CA ASP A 61 -0.10 49.52 12.87
C ASP A 61 -0.44 48.32 11.97
N LYS A 62 -1.56 48.39 11.27
CA LYS A 62 -1.92 47.34 10.30
C LYS A 62 -2.07 47.92 8.88
N PRO A 63 -0.94 48.34 8.27
CA PRO A 63 -1.01 49.06 6.99
C PRO A 63 -1.81 48.30 5.91
N PHE A 64 -1.63 46.99 5.86
CA PHE A 64 -2.29 46.26 4.80
C PHE A 64 -3.78 46.10 5.02
N GLU A 65 -4.17 45.98 6.28
CA GLU A 65 -5.58 45.95 6.65
C GLU A 65 -6.26 47.27 6.29
N TYR A 66 -5.50 48.35 6.36
CA TYR A 66 -6.00 49.71 6.11
C TYR A 66 -6.26 49.89 4.60
N LEU A 67 -5.26 49.53 3.79
CA LEU A 67 -5.45 49.43 2.34
C LEU A 67 -6.74 48.68 1.96
N ASN A 68 -6.95 47.49 2.56
CA ASN A 68 -8.13 46.72 2.18
C ASN A 68 -9.41 47.49 2.49
N ASP A 69 -9.43 48.13 3.66
CA ASP A 69 -10.59 48.91 4.04
C ASP A 69 -10.78 50.11 3.14
N CYS A 70 -9.68 50.67 2.62
CA CYS A 70 -9.78 51.85 1.76
C CYS A 70 -10.43 51.38 0.48
N PHE A 71 -10.02 50.18 0.07
CA PHE A 71 -10.56 49.55 -1.12
C PHE A 71 -12.02 49.20 -0.93
N ARG A 72 -12.37 48.55 0.18
CA ARG A 72 -13.80 48.31 0.48
C ARG A 72 -14.60 49.60 0.48
N ARG A 73 -14.11 50.61 1.21
CA ARG A 73 -14.80 51.87 1.32
C ARG A 73 -14.99 52.48 -0.08
N ASN A 74 -14.02 52.23 -0.98
CA ASN A 74 -14.11 52.79 -2.30
C ASN A 74 -15.24 52.13 -3.08
N GLN A 75 -15.28 50.82 -3.04
CA GLN A 75 -16.33 50.08 -3.73
C GLN A 75 -17.67 50.52 -3.21
N GLN A 76 -17.72 50.73 -1.90
CA GLN A 76 -18.93 51.13 -1.24
C GLN A 76 -19.50 52.44 -1.77
N GLN A 77 -18.62 53.42 -1.92
CA GLN A 77 -19.02 54.75 -2.28
C GLN A 77 -19.46 54.80 -3.74
N LYS A 78 -18.78 54.02 -4.60
CA LYS A 78 -19.17 53.94 -6.00
C LYS A 78 -20.63 53.53 -6.13
N ARG A 79 -20.98 52.39 -5.51
CA ARG A 79 -22.36 51.92 -5.44
C ARG A 79 -23.35 52.99 -4.93
N ILE A 80 -22.99 53.71 -3.87
CA ILE A 80 -23.87 54.74 -3.31
C ILE A 80 -24.01 55.98 -4.21
N THR A 81 -22.96 56.25 -5.00
CA THR A 81 -22.88 57.44 -5.84
C THR A 81 -23.65 57.24 -7.16
N LYS A 82 -23.60 56.02 -7.69
CA LYS A 82 -24.26 55.63 -8.94
C LYS A 82 -25.70 56.13 -9.05
N ASN A 83 -26.48 55.93 -7.99
CA ASN A 83 -27.89 56.33 -7.96
C ASN A 83 -28.13 57.76 -7.49
N LYS A 84 -27.19 58.66 -7.70
CA LYS A 84 -27.40 60.04 -7.27
C LYS A 84 -27.06 61.02 -8.37
N PRO A 85 -27.63 62.24 -8.30
CA PRO A 85 -27.58 63.18 -9.41
C PRO A 85 -26.32 63.13 -10.29
N ASN A 86 -25.13 63.23 -9.70
CA ASN A 86 -23.97 63.46 -10.55
C ASN A 86 -22.84 62.47 -10.35
N ALA A 87 -23.21 61.20 -10.40
CA ALA A 87 -22.23 60.13 -10.33
C ALA A 87 -21.00 60.41 -11.20
N GLU A 88 -21.22 60.90 -12.42
CA GLU A 88 -20.11 61.16 -13.34
C GLU A 88 -18.96 61.91 -12.67
N SER A 89 -19.28 63.06 -12.09
CA SER A 89 -18.28 64.03 -11.61
C SER A 89 -17.27 63.49 -10.63
N LEU A 90 -17.69 62.48 -9.86
CA LEU A 90 -16.85 61.83 -8.88
C LEU A 90 -16.11 60.58 -9.41
N HIS A 91 -16.30 60.28 -10.69
CA HIS A 91 -15.71 59.07 -11.29
C HIS A 91 -14.17 59.10 -11.27
N SER A 92 -13.60 60.24 -11.65
CA SER A 92 -12.16 60.46 -11.63
C SER A 92 -11.55 60.21 -10.25
N THR A 93 -12.27 60.63 -9.18
CA THR A 93 -11.88 60.36 -7.78
C THR A 93 -11.80 58.86 -7.41
N PHE A 94 -12.91 58.13 -7.55
CA PHE A 94 -12.88 56.68 -7.28
C PHE A 94 -11.78 55.96 -8.09
N GLN A 95 -11.60 56.30 -9.35
CA GLN A 95 -10.56 55.63 -10.17
C GLN A 95 -9.17 55.76 -9.53
N GLU A 96 -8.79 57.01 -9.22
CA GLU A 96 -7.51 57.31 -8.59
C GLU A 96 -7.29 56.54 -7.27
N ILE A 97 -8.34 56.38 -6.48
CA ILE A 97 -8.27 55.62 -5.23
C ILE A 97 -8.06 54.11 -5.53
N ASP A 98 -8.83 53.60 -6.49
CA ASP A 98 -8.68 52.21 -6.97
C ASP A 98 -7.29 51.94 -7.51
N ARG A 99 -6.86 52.80 -8.42
CA ARG A 99 -5.52 52.81 -8.95
C ARG A 99 -4.47 52.61 -7.85
N LEU A 100 -4.50 53.51 -6.86
CA LEU A 100 -3.39 53.62 -5.90
C LEU A 100 -3.47 52.69 -4.71
N VAL A 101 -4.69 52.42 -4.23
CA VAL A 101 -4.84 51.47 -3.14
C VAL A 101 -4.34 50.06 -3.56
N ILE A 102 -4.74 49.63 -4.77
CA ILE A 102 -4.28 48.39 -5.40
C ILE A 102 -2.78 48.45 -5.62
N GLY A 103 -2.30 49.54 -6.22
CA GLY A 103 -0.91 49.69 -6.52
C GLY A 103 -0.02 49.48 -5.31
N TYR A 104 -0.34 50.21 -4.23
CA TYR A 104 0.42 50.13 -2.98
C TYR A 104 0.19 48.82 -2.27
N GLY A 105 -0.98 48.24 -2.51
CA GLY A 105 -1.24 46.90 -2.00
C GLY A 105 -0.24 45.91 -2.58
N VAL A 106 0.00 45.99 -3.90
CA VAL A 106 1.08 45.22 -4.50
C VAL A 106 2.43 45.51 -3.83
N VAL A 107 2.79 46.78 -3.75
CA VAL A 107 4.01 47.21 -3.07
C VAL A 107 4.16 46.65 -1.64
N ALA A 108 3.09 46.69 -0.86
CA ALA A 108 3.14 46.20 0.51
C ALA A 108 3.41 44.68 0.55
N LEU A 109 2.91 43.97 -0.47
CA LEU A 109 3.11 42.54 -0.56
C LEU A 109 4.22 42.19 -1.53
N GLN A 110 5.17 43.09 -1.73
CA GLN A 110 6.34 42.87 -2.60
C GLN A 110 7.65 43.23 -1.90
N ILE A 111 7.69 44.31 -1.15
CA ILE A 111 8.92 44.53 -0.44
C ILE A 111 8.81 44.81 1.07
N GLU A 112 9.65 44.11 1.82
CA GLU A 112 9.50 43.96 3.27
C GLU A 112 9.43 45.29 4.06
N ASN A 113 10.28 46.26 3.78
CA ASN A 113 10.27 47.34 4.73
C ASN A 113 9.47 48.57 4.36
N PHE A 114 8.59 48.43 3.38
CA PHE A 114 7.96 49.61 2.79
C PHE A 114 7.16 50.48 3.77
N CYS A 115 6.15 49.90 4.38
CA CYS A 115 5.44 50.52 5.50
C CYS A 115 6.41 50.43 6.66
N MET A 116 6.33 51.31 7.66
CA MET A 116 7.17 51.01 8.82
C MET A 116 6.51 50.39 10.04
N ASN A 117 5.28 49.92 9.87
CA ASN A 117 4.69 48.98 10.83
C ASN A 117 4.32 47.68 10.17
N GLY A 118 4.67 46.60 10.86
CA GLY A 118 4.38 45.26 10.41
C GLY A 118 5.34 44.79 9.33
N ALA A 119 5.17 43.53 8.96
CA ALA A 119 5.91 42.90 7.91
C ALA A 119 4.97 41.91 7.24
N PHE A 120 5.52 41.14 6.31
CA PHE A 120 4.70 40.19 5.56
C PHE A 120 3.91 39.29 6.51
N ILE A 121 4.59 38.78 7.54
CA ILE A 121 3.96 37.84 8.46
C ILE A 121 2.65 38.38 9.09
N ASN A 122 2.66 39.62 9.58
CA ASN A 122 1.45 40.20 10.12
C ASN A 122 0.40 40.45 9.06
N TYR A 123 0.81 40.89 7.86
CA TYR A 123 -0.18 41.12 6.81
C TYR A 123 -0.83 39.81 6.39
N ILE A 124 -0.04 38.76 6.30
CA ILE A 124 -0.60 37.45 5.96
C ILE A 124 -1.51 36.88 7.07
N THR A 125 -1.15 37.11 8.33
CA THR A 125 -1.93 36.67 9.49
C THR A 125 -3.32 37.29 9.44
N GLY A 126 -3.37 38.61 9.22
CA GLY A 126 -4.65 39.29 9.04
C GLY A 126 -5.45 38.70 7.89
N ILE A 127 -4.76 38.27 6.86
CA ILE A 127 -5.46 37.73 5.70
C ILE A 127 -6.06 36.34 5.97
N VAL A 128 -5.23 35.46 6.50
CA VAL A 128 -5.71 34.16 6.98
C VAL A 128 -6.91 34.32 7.91
N SER A 129 -6.87 35.27 8.84
CA SER A 129 -7.98 35.40 9.81
C SER A 129 -9.34 35.68 9.19
N ASN A 130 -9.33 36.44 8.08
CA ASN A 130 -10.57 36.85 7.43
C ASN A 130 -10.36 37.03 5.95
N VAL A 131 -10.04 35.91 5.30
CA VAL A 131 -9.75 35.85 3.90
C VAL A 131 -10.88 36.40 3.02
N ASN A 132 -12.14 36.13 3.38
CA ASN A 132 -13.27 36.55 2.55
C ASN A 132 -13.43 38.07 2.39
N SER A 133 -12.87 38.78 3.37
CA SER A 133 -12.79 40.24 3.42
C SER A 133 -11.68 40.87 2.60
N TYR A 134 -10.72 40.05 2.20
CA TYR A 134 -9.54 40.53 1.52
C TYR A 134 -9.54 40.01 0.11
N THR A 135 -10.49 39.17 -0.19
CA THR A 135 -10.43 38.44 -1.40
C THR A 135 -10.57 39.30 -2.69
N ASP A 136 -11.55 40.19 -2.76
CA ASP A 136 -11.71 41.06 -3.95
C ASP A 136 -10.48 41.94 -4.23
N PHE A 137 -9.97 42.56 -3.16
CA PHE A 137 -8.73 43.33 -3.15
C PHE A 137 -7.54 42.52 -3.59
N LEU A 138 -7.38 41.33 -3.02
CA LEU A 138 -6.27 40.45 -3.40
C LEU A 138 -6.34 40.08 -4.87
N SER A 139 -7.55 39.84 -5.33
CA SER A 139 -7.73 39.45 -6.70
C SER A 139 -7.27 40.63 -7.59
N GLN A 140 -7.66 41.86 -7.25
CA GLN A 140 -7.12 43.05 -7.96
C GLN A 140 -5.61 43.18 -7.84
N ILE A 141 -5.09 42.83 -6.68
CA ILE A 141 -3.63 42.93 -6.45
C ILE A 141 -2.94 41.96 -7.40
N ILE A 142 -3.45 40.73 -7.46
CA ILE A 142 -2.78 39.70 -8.27
C ILE A 142 -2.71 40.12 -9.73
N GLN A 143 -3.86 40.63 -10.19
CA GLN A 143 -4.05 41.02 -11.56
C GLN A 143 -3.13 42.18 -11.92
N ARG A 144 -2.89 43.07 -10.94
CA ARG A 144 -2.05 44.24 -11.18
C ARG A 144 -0.58 43.85 -11.31
N ALA A 145 -0.16 42.95 -10.44
CA ALA A 145 1.20 42.44 -10.51
C ALA A 145 1.42 41.66 -11.82
N ILE A 146 0.42 40.88 -12.25
CA ILE A 146 0.60 40.15 -13.50
C ILE A 146 0.77 41.14 -14.63
N LEU A 147 -0.10 42.16 -14.64
CA LEU A 147 -0.05 43.15 -15.74
C LEU A 147 1.21 43.97 -15.79
N GLU A 148 1.89 44.12 -14.65
CA GLU A 148 3.13 44.92 -14.62
C GLU A 148 4.36 44.01 -14.70
N GLY A 149 4.14 42.70 -14.80
CA GLY A 149 5.24 41.76 -15.02
C GLY A 149 6.07 41.53 -13.78
N THR A 150 5.42 41.52 -12.63
CA THR A 150 6.04 41.28 -11.35
C THR A 150 5.28 40.28 -10.48
N ALA A 151 4.54 39.37 -11.10
CA ALA A 151 3.85 38.33 -10.34
C ALA A 151 4.73 37.51 -9.37
N LEU A 152 5.93 37.13 -9.77
CA LEU A 152 6.75 36.26 -8.88
C LEU A 152 7.18 37.00 -7.60
N ASP A 153 7.47 38.30 -7.70
CA ASP A 153 7.77 39.07 -6.49
C ASP A 153 6.63 38.94 -5.49
N LEU A 154 5.39 39.01 -6.00
CA LEU A 154 4.20 38.85 -5.18
C LEU A 154 4.21 37.48 -4.51
N LEU A 155 4.37 36.43 -5.31
CA LEU A 155 4.32 35.07 -4.79
C LEU A 155 5.40 34.79 -3.75
N ASN A 156 6.59 35.37 -3.94
CA ASN A 156 7.70 35.09 -3.02
C ASN A 156 7.56 35.81 -1.67
N ALA A 157 6.70 36.81 -1.61
CA ALA A 157 6.32 37.40 -0.35
C ALA A 157 5.15 36.60 0.27
N VAL A 158 4.22 36.13 -0.54
CA VAL A 158 3.00 35.60 0.01
C VAL A 158 3.25 34.17 0.49
N PHE A 159 3.74 33.33 -0.42
CA PHE A 159 3.79 31.89 -0.12
C PHE A 159 4.83 31.41 0.83
N PRO A 160 6.06 31.91 0.76
CA PRO A 160 6.99 31.52 1.85
C PRO A 160 6.51 32.02 3.22
N THR A 161 5.89 33.20 3.24
CA THR A 161 5.35 33.80 4.46
C THR A 161 4.20 32.93 4.97
N LEU A 162 3.44 32.33 4.08
CA LEU A 162 2.37 31.46 4.51
C LEU A 162 2.97 30.17 5.07
N LEU A 163 4.16 29.80 4.62
CA LEU A 163 4.86 28.64 5.19
C LEU A 163 5.12 28.84 6.68
N GLU A 164 5.90 29.88 7.02
CA GLU A 164 6.14 30.33 8.38
C GLU A 164 4.88 30.53 9.22
N TYR A 165 3.86 31.18 8.67
CA TYR A 165 2.62 31.32 9.39
C TYR A 165 2.07 29.96 9.82
N CYS A 166 2.20 28.94 8.98
CA CYS A 166 1.71 27.58 9.27
C CYS A 166 2.56 26.80 10.26
N ASN A 167 3.84 27.09 10.34
CA ASN A 167 4.75 26.40 11.26
C ASN A 167 4.97 27.11 12.56
N LYS A 168 4.86 28.44 12.54
CA LYS A 168 5.24 29.21 13.72
C LYS A 168 4.13 29.97 14.38
N HIS A 169 3.06 30.30 13.67
CA HIS A 169 2.06 31.15 14.29
C HIS A 169 0.78 30.43 14.70
N VAL A 170 0.68 29.16 14.33
CA VAL A 170 -0.41 28.32 14.78
C VAL A 170 0.30 27.22 15.52
N SER A 171 -0.30 26.71 16.58
CA SER A 171 0.34 25.60 17.30
C SER A 171 0.38 24.34 16.46
N HIS A 172 -0.70 24.02 15.77
CA HIS A 172 -0.62 22.91 14.83
C HIS A 172 -1.46 23.22 13.63
N PHE A 173 -0.84 23.36 12.49
CA PHE A 173 -1.60 23.42 11.24
C PHE A 173 -2.09 22.01 10.83
N ASP A 174 -3.37 21.73 11.11
CA ASP A 174 -3.95 20.42 10.91
C ASP A 174 -5.46 20.58 10.80
N LEU A 175 -6.16 19.46 10.60
CA LEU A 175 -7.62 19.47 10.39
C LEU A 175 -8.42 20.06 11.56
N ASN A 176 -7.83 20.09 12.76
CA ASN A 176 -8.52 20.68 13.90
C ASN A 176 -8.71 22.17 13.71
N GLU A 177 -7.77 22.86 13.05
CA GLU A 177 -7.88 24.31 12.84
C GLU A 177 -8.78 24.65 11.63
N SER A 178 -10.08 24.51 11.83
CA SER A 178 -11.02 24.54 10.74
C SER A 178 -10.98 25.86 9.93
N VAL A 179 -11.26 26.99 10.58
CA VAL A 179 -11.24 28.28 9.86
C VAL A 179 -9.88 28.50 9.16
N ILE A 180 -8.78 28.34 9.90
CA ILE A 180 -7.47 28.63 9.38
C ILE A 180 -7.10 27.75 8.16
N TYR A 181 -7.21 26.43 8.28
CA TYR A 181 -6.87 25.57 7.16
C TYR A 181 -7.77 25.85 5.97
N ASN A 182 -9.03 26.18 6.21
CA ASN A 182 -9.91 26.52 5.09
C ASN A 182 -9.47 27.81 4.37
N ASN A 183 -9.15 28.84 5.16
CA ASN A 183 -8.72 30.10 4.62
C ASN A 183 -7.37 29.93 3.90
N VAL A 184 -6.47 29.11 4.44
CA VAL A 184 -5.21 28.83 3.73
C VAL A 184 -5.48 28.18 2.37
N LEU A 185 -6.39 27.22 2.31
CA LEU A 185 -6.75 26.63 1.01
C LEU A 185 -7.35 27.70 0.07
N THR A 186 -8.19 28.55 0.62
CA THR A 186 -8.77 29.60 -0.17
C THR A 186 -7.71 30.55 -0.80
N ILE A 187 -6.62 30.85 -0.09
CA ILE A 187 -5.50 31.64 -0.61
C ILE A 187 -4.80 30.96 -1.81
N PHE A 188 -4.34 29.72 -1.63
CA PHE A 188 -3.81 28.92 -2.75
C PHE A 188 -4.73 28.96 -3.99
N GLU A 189 -6.01 28.65 -3.80
CA GLU A 189 -6.97 28.59 -4.89
C GLU A 189 -7.13 29.94 -5.60
N LEU A 190 -7.23 31.02 -4.84
CA LEU A 190 -7.35 32.34 -5.41
C LEU A 190 -6.17 32.68 -6.33
N PHE A 191 -4.95 32.36 -5.91
CA PHE A 191 -3.78 32.70 -6.65
C PHE A 191 -3.64 31.81 -7.88
N VAL A 192 -3.76 30.51 -7.62
CA VAL A 192 -3.40 29.48 -8.59
C VAL A 192 -4.45 29.35 -9.72
N THR A 193 -5.62 29.93 -9.52
CA THR A 193 -6.64 30.06 -10.56
C THR A 193 -6.26 31.13 -11.61
N PHE A 194 -5.40 32.08 -11.25
CA PHE A 194 -4.76 32.92 -12.28
C PHE A 194 -3.73 32.06 -13.07
N LYS A 195 -4.01 31.87 -14.34
CA LYS A 195 -3.13 31.08 -15.17
C LYS A 195 -1.65 31.54 -15.16
N PRO A 196 -1.37 32.85 -15.32
CA PRO A 196 0.04 33.24 -15.31
C PRO A 196 0.71 32.96 -13.96
N ILE A 197 -0.06 32.89 -12.88
CA ILE A 197 0.44 32.43 -11.59
C ILE A 197 0.75 30.92 -11.60
N ALA A 198 -0.17 30.13 -12.16
CA ALA A 198 -0.03 28.67 -12.19
C ALA A 198 1.24 28.28 -12.96
N GLU A 199 1.58 29.07 -14.00
CA GLU A 199 2.74 28.68 -14.82
C GLU A 199 4.10 28.88 -14.16
N ILE A 200 4.18 29.74 -13.16
CA ILE A 200 5.47 29.95 -12.52
C ILE A 200 5.49 29.57 -11.05
N PHE A 201 4.38 29.07 -10.54
CA PHE A 201 4.31 28.79 -9.13
C PHE A 201 5.46 27.91 -8.56
N THR A 202 5.95 26.99 -9.35
CA THR A 202 6.95 26.08 -8.82
C THR A 202 8.32 26.76 -8.72
N LYS A 203 8.42 27.99 -9.25
CA LYS A 203 9.62 28.80 -9.11
C LYS A 203 9.66 29.65 -7.81
N ILE A 204 8.66 29.51 -6.94
CA ILE A 204 8.71 30.17 -5.65
C ILE A 204 9.83 29.58 -4.80
N ASP A 205 10.52 30.45 -4.05
CA ASP A 205 11.53 30.08 -3.06
C ASP A 205 10.98 29.03 -2.07
N GLY A 206 11.75 27.97 -1.86
CA GLY A 206 11.34 26.85 -1.04
C GLY A 206 10.17 26.00 -1.59
N PHE A 207 9.89 26.08 -2.88
CA PHE A 207 8.94 25.11 -3.44
C PHE A 207 9.53 23.70 -3.32
N PHE A 208 10.78 23.52 -3.70
CA PHE A 208 11.49 22.27 -3.40
C PHE A 208 12.11 22.26 -2.02
N ALA A 209 12.44 21.05 -1.57
CA ALA A 209 13.13 20.80 -0.34
C ALA A 209 14.59 21.03 -0.59
N ASP A 210 15.25 21.71 0.34
CA ASP A 210 16.72 21.79 0.39
C ASP A 210 17.31 20.40 0.37
N TYR A 211 18.58 20.33 0.03
CA TYR A 211 19.29 19.08 -0.01
C TYR A 211 19.35 18.41 1.35
N SER A 212 19.43 19.24 2.38
CA SER A 212 19.63 18.77 3.76
C SER A 212 18.31 18.61 4.51
N CYS A 213 17.20 18.80 3.80
CA CYS A 213 15.90 18.70 4.44
C CYS A 213 15.60 17.24 4.77
N LYS A 214 15.37 16.97 6.06
CA LYS A 214 15.03 15.64 6.56
C LYS A 214 13.61 15.25 6.16
N PRO A 215 13.34 13.96 5.91
CA PRO A 215 12.05 13.54 5.37
C PRO A 215 10.80 14.06 6.13
N GLN A 216 10.80 14.01 7.47
CA GLN A 216 9.62 14.55 8.23
C GLN A 216 9.44 15.99 7.97
N ASP A 217 10.46 16.66 7.44
CA ASP A 217 10.30 18.10 7.24
C ASP A 217 9.76 18.52 5.87
N PHE A 218 9.59 17.56 4.94
CA PHE A 218 9.03 17.89 3.62
C PHE A 218 7.67 18.57 3.79
N GLU A 219 6.84 18.02 4.64
CA GLU A 219 5.55 18.55 4.92
C GLU A 219 5.51 19.84 5.73
N ARG A 220 6.63 20.20 6.32
CA ARG A 220 6.77 21.48 7.04
C ARG A 220 7.60 22.57 6.32
N LYS A 221 8.69 22.22 5.64
CA LYS A 221 9.59 23.28 5.18
C LYS A 221 9.46 23.58 3.66
N THR A 222 8.44 23.03 3.01
CA THR A 222 8.26 23.10 1.57
C THR A 222 6.92 23.82 1.21
N ILE A 223 6.87 24.61 0.14
CA ILE A 223 5.68 25.50 -0.04
C ILE A 223 4.37 24.73 0.11
N LEU A 224 4.28 23.52 -0.47
CA LEU A 224 3.01 22.78 -0.48
C LEU A 224 2.79 21.87 0.71
N GLY A 225 3.87 21.55 1.45
CA GLY A 225 3.81 20.63 2.61
C GLY A 225 2.62 20.82 3.55
N PRO A 226 2.47 21.99 4.14
CA PRO A 226 1.43 21.94 5.15
C PRO A 226 0.00 21.59 4.66
N ILE A 227 -0.40 22.15 3.51
CA ILE A 227 -1.71 21.86 2.98
C ILE A 227 -1.80 20.43 2.53
N LEU A 228 -0.69 19.86 2.06
CA LEU A 228 -0.75 18.47 1.58
C LEU A 228 -0.90 17.54 2.76
N SER A 229 -0.56 18.02 3.96
CA SER A 229 -0.59 17.16 5.14
C SER A 229 -1.95 17.14 5.87
N LEU A 230 -2.92 17.86 5.34
CA LEU A 230 -4.25 17.99 5.97
C LEU A 230 -5.05 16.70 5.85
N SER A 231 -5.33 16.05 6.99
CA SER A 231 -5.86 14.67 6.97
C SER A 231 -6.40 14.28 8.33
N PRO A 232 -7.46 13.45 8.36
CA PRO A 232 -7.96 12.96 9.63
C PRO A 232 -7.04 11.96 10.32
N ILE A 233 -5.96 11.51 9.67
CA ILE A 233 -5.10 10.45 10.28
C ILE A 233 -3.83 11.06 10.88
N GLU A 234 -3.94 12.34 11.19
CA GLU A 234 -2.93 13.03 11.95
C GLU A 234 -3.23 12.75 13.45
N ALA A 235 -2.22 12.38 14.24
CA ALA A 235 -2.46 12.10 15.68
C ALA A 235 -3.36 13.15 16.34
N ALA A 236 -2.96 14.42 16.31
CA ALA A 236 -3.72 15.46 17.00
C ALA A 236 -5.21 15.53 16.61
N VAL A 237 -5.48 15.24 15.34
CA VAL A 237 -6.85 15.18 14.85
C VAL A 237 -7.61 13.96 15.37
N ALA A 238 -6.94 12.83 15.38
CA ALA A 238 -7.51 11.59 15.86
C ALA A 238 -7.79 11.67 17.36
N ILE A 239 -6.83 12.18 18.12
CA ILE A 239 -7.07 12.36 19.55
C ILE A 239 -8.27 13.29 19.81
N ARG A 240 -8.35 14.41 19.08
CA ARG A 240 -9.45 15.38 19.30
C ARG A 240 -10.82 14.75 19.01
N ASN A 241 -10.91 13.94 17.96
CA ASN A 241 -12.20 13.48 17.47
C ASN A 241 -12.61 12.15 18.05
N TYR A 242 -11.61 11.30 18.31
CA TYR A 242 -11.86 9.98 18.90
C TYR A 242 -11.42 9.77 20.33
N GLY A 243 -10.24 10.25 20.71
CA GLY A 243 -9.59 9.96 22.05
C GLY A 243 -10.39 10.64 23.14
N ASP A 244 -11.10 11.60 22.63
CA ASP A 244 -12.38 12.13 23.11
C ASP A 244 -13.26 11.22 24.01
N ASN A 245 -13.72 10.11 23.45
CA ASN A 245 -14.50 9.15 24.20
C ASN A 245 -14.30 7.86 23.44
N LEU A 246 -13.36 7.05 23.94
CA LEU A 246 -12.94 5.86 23.21
C LEU A 246 -13.92 4.73 23.43
N LEU A 247 -14.90 4.93 24.32
CA LEU A 247 -15.80 3.91 24.76
C LEU A 247 -17.15 4.12 24.08
N ARG A 248 -17.14 4.91 23.03
CA ARG A 248 -18.35 5.25 22.27
C ARG A 248 -19.03 4.02 21.65
N SER A 249 -20.34 4.05 21.51
CA SER A 249 -21.06 2.98 20.74
C SER A 249 -20.59 2.94 19.28
N LYS A 250 -20.91 1.86 18.57
CA LYS A 250 -20.65 1.78 17.12
C LYS A 250 -21.38 2.90 16.38
N GLN A 251 -22.63 3.13 16.75
CA GLN A 251 -23.43 4.19 16.14
C GLN A 251 -22.74 5.53 16.29
N GLN A 252 -22.22 5.81 17.49
CA GLN A 252 -21.53 7.05 17.80
C GLN A 252 -20.19 7.17 17.09
N THR A 253 -19.42 6.09 16.99
CA THR A 253 -18.14 6.16 16.27
C THR A 253 -18.44 6.44 14.80
N ALA A 254 -19.53 5.84 14.31
CA ALA A 254 -19.83 5.91 12.88
C ALA A 254 -20.06 7.34 12.47
N MET A 255 -20.69 8.16 13.33
CA MET A 255 -20.99 9.56 12.93
C MET A 255 -19.67 10.33 12.87
N ILE A 256 -18.73 9.97 13.74
CA ILE A 256 -17.45 10.64 13.69
C ILE A 256 -16.69 10.24 12.43
N HIS A 257 -16.60 8.95 12.12
CA HIS A 257 -16.07 8.58 10.82
C HIS A 257 -16.74 9.43 9.70
N GLU A 258 -18.06 9.52 9.72
CA GLU A 258 -18.72 10.23 8.59
C GLU A 258 -18.35 11.71 8.45
N SER A 259 -18.27 12.47 9.56
CA SER A 259 -17.87 13.92 9.42
C SER A 259 -16.46 14.04 8.90
N LEU A 260 -15.57 13.25 9.48
CA LEU A 260 -14.18 13.22 9.05
C LEU A 260 -14.01 12.78 7.61
N GLN A 261 -14.80 11.81 7.15
CA GLN A 261 -14.73 11.44 5.72
C GLN A 261 -15.25 12.57 4.85
N ALA A 262 -16.42 13.14 5.18
CA ALA A 262 -16.97 14.27 4.43
C ALA A 262 -15.93 15.37 4.33
N GLU A 263 -15.25 15.65 5.43
CA GLU A 263 -14.28 16.73 5.46
C GLU A 263 -13.01 16.41 4.68
N HIS A 264 -12.50 15.19 4.87
CA HIS A 264 -11.35 14.72 4.15
C HIS A 264 -11.58 14.72 2.64
N LYS A 265 -12.80 14.36 2.18
CA LYS A 265 -13.17 14.42 0.76
C LYS A 265 -13.02 15.84 0.20
N VAL A 266 -13.55 16.82 0.94
CA VAL A 266 -13.47 18.23 0.49
C VAL A 266 -11.99 18.64 0.37
N VAL A 267 -11.17 18.27 1.36
CA VAL A 267 -9.71 18.55 1.35
C VAL A 267 -9.02 17.95 0.11
N ILE A 268 -9.25 16.68 -0.21
CA ILE A 268 -8.65 16.05 -1.44
C ILE A 268 -9.07 16.75 -2.76
N ASP A 269 -10.37 17.06 -2.85
CA ASP A 269 -10.93 17.86 -3.95
C ASP A 269 -10.18 19.18 -4.13
N ARG A 270 -10.04 19.92 -3.02
CA ARG A 270 -9.31 21.17 -3.04
C ARG A 270 -7.80 21.01 -3.30
N LEU A 271 -7.15 19.98 -2.75
CA LEU A 271 -5.72 19.77 -2.99
C LEU A 271 -5.56 19.43 -4.44
N PHE A 272 -6.45 18.58 -4.95
CA PHE A 272 -6.39 18.22 -6.36
C PHE A 272 -6.64 19.41 -7.30
N PHE A 273 -7.67 20.22 -7.05
CA PHE A 273 -7.87 21.41 -7.86
C PHE A 273 -6.58 22.24 -7.92
N ILE A 274 -5.98 22.44 -6.77
CA ILE A 274 -4.79 23.26 -6.66
C ILE A 274 -3.67 22.64 -7.46
N VAL A 275 -3.35 21.37 -7.22
CA VAL A 275 -2.19 20.76 -7.89
C VAL A 275 -2.41 20.59 -9.41
N ASP A 276 -3.66 20.35 -9.80
CA ASP A 276 -4.04 20.23 -11.20
C ASP A 276 -3.80 21.54 -12.00
N LYS A 277 -4.08 22.69 -11.39
CA LYS A 277 -3.66 23.98 -11.92
C LYS A 277 -2.18 24.04 -12.17
N LEU A 278 -1.40 23.55 -11.19
CA LEU A 278 0.07 23.59 -11.35
C LEU A 278 0.41 22.77 -12.53
N VAL A 279 -0.07 21.53 -12.53
CA VAL A 279 0.18 20.58 -13.62
C VAL A 279 -0.26 21.10 -14.97
N ARG A 280 -1.33 21.89 -15.02
CA ARG A 280 -1.75 22.42 -16.33
C ARG A 280 -1.04 23.72 -16.68
N GLY A 281 -0.34 24.30 -15.73
CA GLY A 281 0.15 25.64 -15.89
C GLY A 281 1.17 25.68 -17.00
N SER A 282 2.05 24.68 -17.02
CA SER A 282 3.12 24.63 -18.00
C SER A 282 3.94 23.37 -17.83
N LEU A 283 4.77 23.12 -18.82
CA LEU A 283 5.60 21.92 -18.82
C LEU A 283 6.54 21.98 -17.63
N ASN A 284 6.94 23.19 -17.26
CA ASN A 284 7.88 23.42 -16.18
C ASN A 284 7.20 23.08 -14.89
N SER A 285 5.98 23.59 -14.71
CA SER A 285 5.27 23.40 -13.49
C SER A 285 4.97 21.92 -13.31
N ARG A 286 4.57 21.22 -14.38
CA ARG A 286 4.12 19.82 -14.25
C ARG A 286 5.33 18.93 -14.07
N THR A 287 6.43 19.24 -14.74
CA THR A 287 7.68 18.50 -14.50
C THR A 287 8.20 18.68 -13.08
N ASP A 288 8.09 19.91 -12.56
CA ASP A 288 8.54 20.20 -11.20
C ASP A 288 7.70 19.43 -10.18
N MET A 289 6.40 19.21 -10.50
CA MET A 289 5.53 18.41 -9.60
C MET A 289 5.95 16.94 -9.50
N ILE A 290 6.19 16.31 -10.63
CA ILE A 290 6.76 14.97 -10.67
C ILE A 290 8.03 14.95 -9.83
N SER A 291 8.86 15.98 -10.01
CA SER A 291 10.14 16.04 -9.34
C SER A 291 9.93 16.12 -7.80
N TYR A 292 8.98 16.95 -7.42
CA TYR A 292 8.65 17.19 -6.04
C TYR A 292 8.10 15.91 -5.36
N PHE A 293 7.13 15.26 -5.99
CA PHE A 293 6.62 14.01 -5.45
C PHE A 293 7.66 12.87 -5.50
N ALA A 294 8.49 12.84 -6.54
CA ALA A 294 9.51 11.80 -6.61
C ALA A 294 10.53 11.93 -5.47
N HIS A 295 10.87 13.14 -5.12
CA HIS A 295 11.88 13.31 -4.07
C HIS A 295 11.33 12.80 -2.72
N ILE A 296 10.09 13.17 -2.42
CA ILE A 296 9.41 12.70 -1.22
C ILE A 296 9.35 11.16 -1.14
N ALA A 297 9.01 10.51 -2.25
CA ALA A 297 8.96 9.04 -2.30
C ALA A 297 10.33 8.47 -2.05
N ASN A 298 11.33 9.02 -2.74
CA ASN A 298 12.71 8.48 -2.69
C ASN A 298 13.32 8.43 -1.29
N LYS A 299 12.89 9.34 -0.42
CA LYS A 299 13.49 9.48 0.91
C LYS A 299 12.61 8.85 1.98
N ASN A 300 11.63 8.09 1.55
CA ASN A 300 10.67 7.56 2.48
C ASN A 300 10.54 6.06 2.39
N HIS A 301 11.56 5.39 1.86
CA HIS A 301 11.46 3.92 1.71
C HIS A 301 11.33 3.13 2.98
N LEU A 302 11.86 3.64 4.09
CA LEU A 302 11.75 2.94 5.39
C LEU A 302 10.36 2.98 5.94
N ARG A 303 9.48 3.75 5.32
CA ARG A 303 8.08 3.68 5.71
C ARG A 303 7.59 2.23 5.62
N ARG A 304 8.21 1.38 4.77
CA ARG A 304 7.80 -0.05 4.68
C ARG A 304 8.67 -1.04 5.42
N ALA A 305 9.69 -0.57 6.14
CA ALA A 305 10.54 -1.44 6.99
C ALA A 305 9.68 -2.09 8.08
N ASP A 306 10.16 -3.19 8.67
CA ASP A 306 9.45 -3.85 9.80
C ASP A 306 9.29 -2.95 11.03
N HIS A 307 10.31 -2.13 11.32
CA HIS A 307 10.19 -1.09 12.38
C HIS A 307 10.63 0.29 11.87
N PRO A 308 9.72 1.00 11.22
CA PRO A 308 10.05 2.28 10.64
C PRO A 308 10.51 3.25 11.71
N PRO A 309 11.50 4.11 11.39
CA PRO A 309 11.83 5.21 12.30
C PRO A 309 10.88 6.37 12.07
N PHE A 310 9.68 6.31 12.63
CA PHE A 310 8.57 7.26 12.33
C PHE A 310 8.90 8.74 12.35
N LYS A 311 9.72 9.12 13.29
CA LYS A 311 10.04 10.50 13.53
C LYS A 311 11.00 11.00 12.49
N GLU A 312 11.66 10.08 11.77
CA GLU A 312 12.56 10.47 10.65
C GLU A 312 11.89 10.32 9.24
N LEU A 313 10.57 10.21 9.16
CA LEU A 313 9.90 9.90 7.92
C LEU A 313 8.73 10.83 7.73
N SER A 314 8.20 10.93 6.51
CA SER A 314 7.00 11.76 6.28
C SER A 314 5.81 11.11 6.97
N SER A 315 4.74 11.87 7.19
CA SER A 315 3.61 11.33 7.93
C SER A 315 2.68 10.51 7.06
N ASN A 316 1.96 9.58 7.68
CA ASN A 316 0.90 8.88 6.97
C ASN A 316 -0.06 9.81 6.25
N GLY A 317 -0.44 10.91 6.89
CA GLY A 317 -1.46 11.78 6.31
C GLY A 317 -0.96 12.41 5.02
N PHE A 318 0.26 12.89 5.05
CA PHE A 318 0.91 13.50 3.90
C PHE A 318 1.01 12.49 2.77
N MET A 319 1.60 11.33 3.07
CA MET A 319 1.87 10.33 2.04
C MET A 319 0.58 9.74 1.45
N SER A 320 -0.45 9.57 2.28
CA SER A 320 -1.70 9.05 1.74
C SER A 320 -2.42 10.07 0.85
N ASN A 321 -2.40 11.35 1.26
CA ASN A 321 -3.02 12.40 0.46
C ASN A 321 -2.35 12.46 -0.92
N ILE A 322 -1.03 12.45 -0.95
CA ILE A 322 -0.30 12.43 -2.21
C ILE A 322 -0.65 11.20 -3.05
N THR A 323 -0.70 10.02 -2.41
CA THR A 323 -1.11 8.84 -3.14
C THR A 323 -2.45 9.03 -3.85
N LEU A 324 -3.45 9.58 -3.14
CA LEU A 324 -4.77 9.87 -3.70
C LEU A 324 -4.73 10.89 -4.83
N LEU A 325 -3.91 11.92 -4.72
CA LEU A 325 -3.79 12.88 -5.81
C LEU A 325 -3.20 12.18 -7.03
N LEU A 326 -2.13 11.38 -6.85
CA LEU A 326 -1.51 10.68 -7.97
C LEU A 326 -2.48 9.71 -8.62
N VAL A 327 -3.22 8.98 -7.78
CA VAL A 327 -4.34 8.14 -8.26
C VAL A 327 -5.29 8.96 -9.16
N ARG A 328 -5.60 10.16 -8.69
CA ARG A 328 -6.54 10.98 -9.40
C ARG A 328 -5.96 11.48 -10.75
N PHE A 329 -4.67 11.80 -10.80
CA PHE A 329 -4.03 12.12 -12.10
C PHE A 329 -3.96 10.96 -13.06
N SER A 330 -3.98 9.74 -12.52
CA SER A 330 -3.87 8.54 -13.32
C SER A 330 -5.19 8.08 -13.88
N GLN A 331 -6.28 8.33 -13.16
CA GLN A 331 -7.61 7.89 -13.58
C GLN A 331 -7.89 7.99 -15.08
N PRO A 332 -7.72 9.17 -15.71
CA PRO A 332 -8.13 9.33 -17.10
C PRO A 332 -7.52 8.34 -18.09
N PHE A 333 -6.28 7.89 -17.86
CA PHE A 333 -5.66 7.07 -18.86
C PHE A 333 -5.87 5.59 -18.60
N LEU A 334 -6.74 5.34 -17.62
CA LEU A 334 -7.03 4.03 -17.13
C LEU A 334 -8.52 3.77 -16.95
N ASP A 335 -9.38 4.55 -17.59
CA ASP A 335 -10.82 4.36 -17.48
C ASP A 335 -11.13 3.02 -18.13
N ILE A 336 -12.34 2.48 -17.94
CA ILE A 336 -12.62 1.10 -18.38
C ILE A 336 -12.53 0.79 -19.85
N SER A 337 -12.45 1.79 -20.72
CA SER A 337 -12.44 1.54 -22.15
C SER A 337 -11.01 1.27 -22.57
N TYR A 338 -10.09 1.58 -21.68
CA TYR A 338 -8.67 1.43 -21.95
C TYR A 338 -8.12 2.06 -23.23
N LYS A 339 -8.81 3.05 -23.82
CA LYS A 339 -8.34 3.55 -25.13
C LYS A 339 -7.04 4.35 -25.05
N LYS A 340 -6.73 4.87 -23.85
CA LYS A 340 -5.51 5.66 -23.63
C LYS A 340 -4.37 4.85 -23.01
N ILE A 341 -4.57 3.56 -22.87
CA ILE A 341 -3.64 2.70 -22.14
C ILE A 341 -2.23 2.66 -22.73
N ASP A 342 -2.14 2.80 -24.05
CA ASP A 342 -0.90 2.79 -24.80
C ASP A 342 -0.05 4.07 -24.60
N LYS A 343 -0.64 5.11 -24.00
CA LYS A 343 0.09 6.33 -23.61
C LYS A 343 1.15 6.04 -22.52
N ILE A 344 0.93 4.99 -21.72
CA ILE A 344 1.89 4.63 -20.67
C ILE A 344 2.97 3.75 -21.29
N ASP A 345 4.24 4.16 -21.12
CA ASP A 345 5.34 3.51 -21.83
C ASP A 345 5.77 2.24 -21.11
N ALA A 346 5.61 1.09 -21.75
CA ALA A 346 6.06 -0.18 -21.16
C ALA A 346 7.59 -0.21 -21.00
N ASN A 347 8.27 0.59 -21.80
CA ASN A 347 9.73 0.70 -21.75
C ASN A 347 10.22 1.81 -20.85
N TYR A 348 9.38 2.15 -19.89
CA TYR A 348 9.69 3.18 -18.91
C TYR A 348 11.02 2.92 -18.20
N PHE A 349 11.29 1.64 -17.94
CA PHE A 349 12.48 1.21 -17.22
C PHE A 349 13.55 0.63 -18.17
N ASN A 350 13.40 0.86 -19.48
CA ASN A 350 14.47 0.45 -20.46
C ASN A 350 15.59 1.44 -20.42
N ASN A 351 15.28 2.71 -20.19
CA ASN A 351 16.28 3.72 -19.83
C ASN A 351 16.49 3.79 -18.29
N PRO A 352 17.72 4.19 -17.83
CA PRO A 352 17.94 4.61 -16.43
C PRO A 352 16.91 5.63 -15.96
N SER A 353 16.42 5.48 -14.73
CA SER A 353 15.22 6.18 -14.28
C SER A 353 15.50 7.65 -14.02
N LEU A 354 14.61 8.53 -14.49
CA LEU A 354 14.91 9.93 -14.25
C LEU A 354 14.52 10.35 -12.83
N PHE A 355 13.26 10.23 -12.45
CA PHE A 355 12.85 10.79 -11.14
C PHE A 355 12.88 9.84 -9.93
N ILE A 356 12.24 8.69 -10.06
CA ILE A 356 12.27 7.68 -9.01
C ILE A 356 13.66 7.08 -8.91
N ASP A 357 14.24 7.08 -7.70
CA ASP A 357 15.49 6.37 -7.40
C ASP A 357 15.18 4.88 -7.26
N LEU A 358 15.70 4.05 -8.17
CA LEU A 358 15.43 2.61 -8.15
C LEU A 358 16.53 1.77 -7.51
N SER A 359 17.56 2.44 -6.99
CA SER A 359 18.67 1.75 -6.39
C SER A 359 18.21 0.92 -5.19
N GLY A 360 18.56 -0.36 -5.19
CA GLY A 360 18.18 -1.22 -4.07
C GLY A 360 16.80 -1.83 -4.24
N GLU A 361 16.09 -1.49 -5.32
CA GLU A 361 14.75 -2.07 -5.51
C GLU A 361 14.87 -3.43 -6.17
N THR A 362 14.41 -4.47 -5.47
CA THR A 362 14.31 -5.81 -6.02
C THR A 362 13.37 -5.77 -7.24
N ARG A 363 13.76 -6.47 -8.30
CA ARG A 363 12.93 -6.60 -9.49
C ARG A 363 12.11 -7.90 -9.49
N LEU A 364 11.16 -7.99 -10.43
CA LEU A 364 10.21 -9.09 -10.45
C LEU A 364 10.86 -10.45 -10.73
N ASN A 365 11.75 -10.49 -11.73
CA ASN A 365 12.53 -11.68 -11.98
C ASN A 365 13.87 -11.36 -12.62
N SER A 366 14.72 -10.70 -11.86
CA SER A 366 15.98 -10.18 -12.32
C SER A 366 16.73 -9.70 -11.11
N ASP A 367 18.05 -9.63 -11.23
CA ASP A 367 18.89 -9.09 -10.16
C ASP A 367 19.52 -7.78 -10.63
N PHE A 368 20.13 -7.05 -9.70
CA PHE A 368 20.86 -5.80 -10.00
C PHE A 368 21.78 -5.95 -11.22
N LYS A 369 22.70 -6.91 -11.15
CA LYS A 369 23.46 -7.38 -12.31
C LYS A 369 22.80 -7.26 -13.70
N GLU A 370 21.78 -8.08 -13.96
CA GLU A 370 21.16 -8.13 -15.29
C GLU A 370 20.50 -6.81 -15.67
N ALA A 371 19.86 -6.17 -14.68
CA ALA A 371 19.08 -4.96 -14.90
C ALA A 371 19.96 -3.79 -15.31
N ASP A 372 21.06 -3.60 -14.59
CA ASP A 372 22.05 -2.61 -14.96
C ASP A 372 22.67 -2.90 -16.32
N ALA A 373 22.94 -4.18 -16.60
CA ALA A 373 23.31 -4.65 -17.94
C ALA A 373 22.25 -4.26 -18.97
N PHE A 374 20.98 -4.48 -18.63
CA PHE A 374 19.89 -4.11 -19.52
C PHE A 374 19.84 -2.62 -19.87
N TYR A 375 20.05 -1.75 -18.87
CA TYR A 375 20.20 -0.31 -19.11
C TYR A 375 21.25 0.02 -20.16
N ASP A 376 22.41 -0.65 -20.07
CA ASP A 376 23.56 -0.46 -20.97
C ASP A 376 23.22 -0.76 -22.41
N LYS A 377 22.77 -1.98 -22.63
CA LYS A 377 22.31 -2.41 -23.94
C LYS A 377 21.14 -1.51 -24.39
N ASN A 378 20.23 -1.18 -23.47
CA ASN A 378 19.00 -0.49 -23.87
C ASN A 378 19.01 1.01 -23.95
N ARG A 379 19.41 1.70 -22.87
CA ARG A 379 19.87 3.09 -23.01
C ARG A 379 18.66 4.03 -23.20
N LYS A 380 18.52 4.60 -24.40
CA LYS A 380 17.63 5.73 -24.75
C LYS A 380 18.46 6.99 -24.52
N THR A 381 18.54 7.81 -25.57
CA THR A 381 19.61 8.81 -25.71
C THR A 381 19.60 9.99 -24.72
N ALA A 382 20.35 11.03 -25.11
CA ALA A 382 20.40 12.31 -24.43
C ALA A 382 19.00 12.91 -24.28
N ASP A 383 18.74 13.54 -23.13
CA ASP A 383 17.49 14.27 -22.85
C ASP A 383 16.29 13.30 -22.90
N SER A 384 15.95 12.87 -24.12
CA SER A 384 15.02 11.77 -24.49
C SER A 384 13.71 11.52 -23.69
N LYS A 385 13.76 11.70 -22.37
CA LYS A 385 12.69 11.28 -21.48
C LYS A 385 11.96 12.53 -20.92
N PRO A 386 10.76 12.35 -20.24
CA PRO A 386 10.08 11.13 -19.76
C PRO A 386 8.60 10.82 -20.16
N ASN A 387 7.74 11.84 -20.33
CA ASN A 387 6.29 11.66 -20.54
C ASN A 387 5.57 11.69 -19.18
N PHE A 388 4.73 12.71 -18.97
CA PHE A 388 4.08 12.97 -17.71
C PHE A 388 3.20 11.80 -17.26
N ILE A 389 2.34 11.36 -18.18
CA ILE A 389 1.48 10.21 -17.93
C ILE A 389 2.25 9.02 -17.37
N SER A 390 3.38 8.66 -17.98
CA SER A 390 4.17 7.50 -17.54
C SER A 390 4.86 7.75 -16.19
N ASP A 391 5.33 8.98 -16.00
CA ASP A 391 5.91 9.40 -14.72
C ASP A 391 4.87 9.30 -13.63
N CYS A 392 3.69 9.85 -13.91
CA CYS A 392 2.59 9.80 -12.97
C CYS A 392 2.15 8.37 -12.62
N PHE A 393 2.01 7.54 -13.64
CA PHE A 393 1.60 6.16 -13.38
C PHE A 393 2.55 5.41 -12.46
N PHE A 394 3.85 5.42 -12.75
CA PHE A 394 4.79 4.71 -11.88
C PHE A 394 5.02 5.35 -10.51
N LEU A 395 5.01 6.67 -10.46
CA LEU A 395 4.93 7.38 -9.17
C LEU A 395 3.71 6.98 -8.36
N THR A 396 2.56 6.85 -9.01
CA THR A 396 1.41 6.34 -8.26
C THR A 396 1.68 4.97 -7.62
N LEU A 397 2.29 4.06 -8.38
CA LEU A 397 2.59 2.72 -7.83
C LEU A 397 3.59 2.82 -6.68
N THR A 398 4.48 3.81 -6.79
CA THR A 398 5.48 3.99 -5.79
C THR A 398 4.80 4.38 -4.49
N TYR A 399 3.92 5.36 -4.57
CA TYR A 399 3.20 5.78 -3.38
C TYR A 399 2.25 4.74 -2.88
N LEU A 400 1.61 3.97 -3.74
CA LEU A 400 0.72 2.94 -3.20
C LEU A 400 1.43 2.02 -2.20
N HIS A 401 2.70 1.73 -2.48
CA HIS A 401 3.53 0.84 -1.68
C HIS A 401 4.09 1.58 -0.46
N TYR A 402 4.82 2.64 -0.72
CA TYR A 402 5.45 3.36 0.38
C TYR A 402 4.50 4.33 1.11
N GLY A 403 3.52 4.90 0.40
CA GLY A 403 2.60 5.86 0.98
C GLY A 403 1.53 5.11 1.71
N LEU A 404 0.46 4.76 0.99
CA LEU A 404 -0.59 3.94 1.56
C LEU A 404 -0.10 2.69 2.23
N GLY A 405 0.83 1.99 1.59
CA GLY A 405 1.29 0.72 2.13
C GLY A 405 1.91 0.83 3.52
N GLY A 406 2.61 1.95 3.77
CA GLY A 406 3.20 2.22 5.08
C GLY A 406 2.11 2.61 6.07
N THR A 407 1.00 3.16 5.56
CA THR A 407 -0.10 3.57 6.38
C THR A 407 -0.90 2.36 6.87
N LEU A 408 -1.14 1.37 6.00
CA LEU A 408 -1.95 0.22 6.43
C LEU A 408 -1.17 -0.72 7.36
N SER A 409 0.13 -0.86 7.14
CA SER A 409 0.93 -1.69 8.04
C SER A 409 1.03 -1.02 9.44
N PHE A 410 1.17 0.30 9.46
CA PHE A 410 1.11 1.04 10.72
C PHE A 410 -0.16 0.64 11.47
N GLU A 411 -1.31 0.66 10.79
CA GLU A 411 -2.61 0.34 11.45
C GLU A 411 -2.76 -1.12 11.83
N GLU A 412 -2.19 -1.97 11.02
CA GLU A 412 -2.36 -3.40 11.21
C GLU A 412 -1.75 -3.88 12.55
N LYS A 413 -0.59 -3.31 12.90
CA LYS A 413 0.14 -3.70 14.09
C LYS A 413 -0.48 -3.12 15.37
N MET A 414 -1.43 -2.20 15.25
CA MET A 414 -1.90 -1.52 16.43
C MET A 414 -2.63 -2.42 17.45
N GLY A 415 -3.36 -3.42 16.99
CA GLY A 415 -4.06 -4.33 17.91
C GLY A 415 -3.12 -4.92 18.95
N SER A 416 -1.93 -5.32 18.49
CA SER A 416 -0.93 -5.90 19.34
C SER A 416 -0.24 -4.89 20.19
N GLU A 417 -0.01 -3.70 19.65
CA GLU A 417 0.63 -2.65 20.42
C GLU A 417 -0.21 -2.28 21.63
N ILE A 418 -1.52 -2.18 21.42
CA ILE A 418 -2.52 -1.79 22.45
C ILE A 418 -2.58 -2.84 23.56
N LYS A 419 -2.72 -4.11 23.17
CA LYS A 419 -2.74 -5.22 24.11
C LYS A 419 -1.45 -5.31 24.97
N ALA A 420 -0.27 -5.19 24.37
CA ALA A 420 0.98 -5.16 25.14
C ALA A 420 0.98 -3.97 26.12
N LEU A 421 0.59 -2.81 25.60
CA LEU A 421 0.56 -1.59 26.39
C LEU A 421 -0.38 -1.70 27.61
N LYS A 422 -1.59 -2.24 27.39
CA LYS A 422 -2.54 -2.49 28.47
C LYS A 422 -1.93 -3.39 29.54
N GLU A 423 -1.15 -4.38 29.10
CA GLU A 423 -0.50 -5.30 30.04
C GLU A 423 0.63 -4.68 30.88
N GLU A 424 1.45 -3.84 30.25
CA GLU A 424 2.51 -3.13 30.97
C GLU A 424 1.90 -2.16 31.98
N ILE A 425 0.85 -1.47 31.58
CA ILE A 425 0.21 -0.51 32.48
C ILE A 425 -0.34 -1.27 33.70
N GLU A 426 -0.96 -2.40 33.42
CA GLU A 426 -1.55 -3.22 34.43
C GLU A 426 -0.48 -3.70 35.42
N LYS A 427 0.69 -4.10 34.92
CA LYS A 427 1.78 -4.49 35.81
C LYS A 427 2.34 -3.31 36.65
N VAL A 428 2.54 -2.16 36.02
CA VAL A 428 3.12 -1.04 36.72
C VAL A 428 2.12 -0.53 37.78
N LYS A 429 0.83 -0.76 37.54
CA LYS A 429 -0.19 -0.38 38.50
C LYS A 429 -0.06 -1.18 39.76
N LYS A 430 0.63 -2.32 39.72
CA LYS A 430 0.70 -3.12 40.95
C LYS A 430 1.77 -2.67 41.89
N ILE A 431 2.67 -1.82 41.45
CA ILE A 431 3.84 -1.51 42.26
C ILE A 431 3.43 -0.67 43.46
N ALA A 432 3.81 -1.11 44.65
CA ALA A 432 3.69 -0.29 45.86
C ALA A 432 4.94 0.54 46.02
N ALA A 433 4.87 1.84 45.69
CA ALA A 433 6.03 2.72 45.78
C ALA A 433 6.06 3.58 47.06
N ASN A 434 6.72 3.08 48.11
CA ASN A 434 6.96 3.77 49.40
C ASN A 434 7.82 5.02 49.42
N HIS A 435 8.73 5.16 48.47
CA HIS A 435 9.69 6.25 48.47
C HIS A 435 9.16 7.34 47.54
N ASP A 436 9.13 8.59 48.00
CA ASP A 436 8.48 9.70 47.25
C ASP A 436 9.04 9.91 45.84
N VAL A 437 10.35 9.84 45.73
CA VAL A 437 11.03 9.92 44.44
C VAL A 437 10.62 8.75 43.50
N PHE A 438 10.65 7.54 44.02
CA PHE A 438 10.22 6.37 43.25
C PHE A 438 8.75 6.48 42.89
N ALA A 439 7.92 6.93 43.84
CA ALA A 439 6.51 7.14 43.54
C ALA A 439 6.30 8.17 42.42
N ARG A 440 7.07 9.26 42.41
CA ARG A 440 6.96 10.21 41.27
C ARG A 440 7.38 9.53 39.96
N PHE A 441 8.45 8.72 40.05
CA PHE A 441 8.94 7.99 38.89
C PHE A 441 7.88 7.07 38.28
N ILE A 442 7.24 6.25 39.13
CA ILE A 442 6.25 5.25 38.67
C ILE A 442 5.08 5.92 38.01
N THR A 443 4.61 7.02 38.58
CA THR A 443 3.46 7.72 38.05
C THR A 443 3.77 8.44 36.73
N ALA A 444 5.00 8.95 36.58
CA ALA A 444 5.46 9.53 35.32
C ALA A 444 5.54 8.43 34.27
N GLN A 445 5.97 7.25 34.68
CA GLN A 445 6.01 6.14 33.72
C GLN A 445 4.57 5.70 33.36
N LEU A 446 3.67 5.55 34.34
CA LEU A 446 2.25 5.23 34.01
C LEU A 446 1.68 6.29 33.11
N SER A 447 2.00 7.53 33.38
CA SER A 447 1.30 8.54 32.67
C SER A 447 1.83 8.61 31.20
N LYS A 448 3.11 8.36 31.01
CA LYS A 448 3.65 8.28 29.67
C LYS A 448 3.11 7.07 28.89
N MET A 449 2.97 5.92 29.52
CA MET A 449 2.37 4.81 28.81
C MET A 449 0.90 5.05 28.49
N GLU A 450 0.16 5.64 29.43
CA GLU A 450 -1.25 5.96 29.20
C GLU A 450 -1.49 6.91 28.03
N LYS A 451 -0.62 7.89 27.90
CA LYS A 451 -0.60 8.81 26.78
C LYS A 451 -0.31 8.05 25.46
N ALA A 452 0.73 7.23 25.41
CA ALA A 452 0.95 6.41 24.25
C ALA A 452 -0.27 5.55 23.94
N LEU A 453 -0.93 4.99 24.96
CA LEU A 453 -2.09 4.14 24.69
C LEU A 453 -3.23 4.95 24.08
N LYS A 454 -3.45 6.14 24.60
CA LYS A 454 -4.55 6.96 24.14
C LYS A 454 -4.30 7.38 22.66
N THR A 455 -3.02 7.71 22.37
CA THR A 455 -2.61 8.09 21.04
C THR A 455 -2.85 6.93 20.08
N THR A 456 -2.45 5.72 20.47
CA THR A 456 -2.57 4.58 19.57
C THR A 456 -4.07 4.20 19.37
N GLU A 457 -4.82 4.14 20.44
CA GLU A 457 -6.22 3.81 20.30
C GLU A 457 -6.97 4.82 19.43
N SER A 458 -6.70 6.10 19.61
CA SER A 458 -7.30 7.15 18.82
C SER A 458 -6.93 7.05 17.32
N LEU A 459 -5.66 6.80 17.04
CA LEU A 459 -5.21 6.66 15.67
C LEU A 459 -5.80 5.40 15.04
N ARG A 460 -5.97 4.32 15.81
CA ARG A 460 -6.54 3.13 15.18
C ARG A 460 -7.91 3.54 14.67
N PHE A 461 -8.68 4.23 15.51
CA PHE A 461 -9.98 4.68 15.05
C PHE A 461 -9.87 5.55 13.79
N ALA A 462 -9.02 6.57 13.83
CA ALA A 462 -8.90 7.50 12.69
C ALA A 462 -8.49 6.78 11.38
N LEU A 463 -7.53 5.86 11.48
CA LEU A 463 -7.10 5.07 10.34
C LEU A 463 -8.22 4.18 9.84
N GLN A 464 -9.02 3.65 10.75
CA GLN A 464 -10.15 2.85 10.36
C GLN A 464 -11.14 3.70 9.65
N GLY A 465 -11.30 4.92 10.13
CA GLY A 465 -12.19 5.85 9.49
C GLY A 465 -11.84 6.06 8.04
N PHE A 466 -10.55 6.14 7.76
CA PHE A 466 -10.00 6.44 6.45
C PHE A 466 -10.03 5.24 5.55
N PHE A 467 -9.67 4.07 6.05
CA PHE A 467 -9.81 2.90 5.17
C PHE A 467 -11.24 2.39 4.93
N ALA A 468 -12.17 2.69 5.85
CA ALA A 468 -13.59 2.42 5.61
C ALA A 468 -14.23 3.45 4.66
N HIS A 469 -13.48 4.50 4.33
CA HIS A 469 -14.00 5.57 3.45
C HIS A 469 -14.05 5.09 1.99
N ARG A 470 -15.15 4.42 1.63
CA ARG A 470 -15.28 3.73 0.36
C ARG A 470 -15.08 4.63 -0.85
N SER A 471 -15.69 5.80 -0.80
CA SER A 471 -15.54 6.71 -1.88
C SER A 471 -14.06 7.01 -2.24
N LEU A 472 -13.18 7.10 -1.24
CA LEU A 472 -11.77 7.37 -1.47
C LEU A 472 -11.03 6.10 -1.88
N GLN A 473 -11.31 4.99 -1.21
CA GLN A 473 -10.65 3.74 -1.47
C GLN A 473 -11.03 3.10 -2.80
N LEU A 474 -12.25 3.34 -3.26
CA LEU A 474 -12.64 2.94 -4.60
C LEU A 474 -11.64 3.46 -5.62
N GLU A 475 -11.26 4.73 -5.47
CA GLU A 475 -10.31 5.30 -6.42
C GLU A 475 -8.98 4.54 -6.42
N VAL A 476 -8.54 4.12 -5.24
CA VAL A 476 -7.28 3.43 -5.11
C VAL A 476 -7.43 2.06 -5.77
N PHE A 477 -8.55 1.37 -5.51
CA PHE A 477 -8.69 0.04 -6.05
C PHE A 477 -8.92 0.04 -7.56
N ASP A 478 -9.55 1.09 -8.05
CA ASP A 478 -9.75 1.19 -9.47
C ASP A 478 -8.38 1.45 -10.12
N PHE A 479 -7.55 2.24 -9.48
CA PHE A 479 -6.21 2.39 -9.99
C PHE A 479 -5.51 1.01 -10.10
N ILE A 480 -5.64 0.23 -9.04
CA ILE A 480 -5.10 -1.10 -9.02
C ILE A 480 -5.60 -1.96 -10.20
N CYS A 481 -6.88 -1.85 -10.53
CA CYS A 481 -7.47 -2.68 -11.58
C CYS A 481 -6.96 -2.24 -12.96
N GLY A 482 -7.00 -0.93 -13.23
CA GLY A 482 -6.32 -0.33 -14.36
C GLY A 482 -4.85 -0.75 -14.45
N ALA A 483 -4.11 -0.63 -13.33
CA ALA A 483 -2.69 -1.03 -13.32
C ALA A 483 -2.56 -2.50 -13.70
N SER A 484 -3.54 -3.31 -13.32
CA SER A 484 -3.49 -4.73 -13.59
C SER A 484 -3.59 -5.00 -15.08
N THR A 485 -4.51 -4.32 -15.75
CA THR A 485 -4.67 -4.45 -17.18
C THR A 485 -3.39 -4.01 -17.87
N PHE A 486 -2.91 -2.82 -17.55
CA PHE A 486 -1.62 -2.37 -18.03
C PHE A 486 -0.55 -3.47 -17.96
N LEU A 487 -0.43 -4.13 -16.81
CA LEU A 487 0.63 -5.09 -16.60
C LEU A 487 0.39 -6.37 -17.40
N ILE A 488 -0.88 -6.71 -17.65
CA ILE A 488 -1.13 -7.84 -18.53
C ILE A 488 -0.70 -7.45 -19.97
N ARG A 489 -0.99 -6.21 -20.35
CA ARG A 489 -0.50 -5.65 -21.61
C ARG A 489 1.03 -5.64 -21.71
N VAL A 490 1.74 -5.38 -20.63
CA VAL A 490 3.22 -5.47 -20.70
C VAL A 490 3.72 -6.90 -20.97
N VAL A 491 3.03 -7.90 -20.43
CA VAL A 491 3.46 -9.29 -20.50
C VAL A 491 3.14 -9.87 -21.86
N ASP A 492 1.95 -9.57 -22.37
CA ASP A 492 1.52 -10.03 -23.67
C ASP A 492 2.67 -9.93 -24.73
N PRO A 493 3.05 -11.05 -25.36
CA PRO A 493 4.06 -10.86 -26.42
C PRO A 493 3.58 -9.89 -27.54
N GLU A 494 2.28 -9.91 -27.83
CA GLU A 494 1.64 -9.03 -28.78
C GLU A 494 1.43 -7.59 -28.28
N HIS A 495 1.43 -7.38 -26.94
CA HIS A 495 1.18 -6.06 -26.34
C HIS A 495 -0.13 -5.50 -26.81
N GLU A 496 -1.16 -6.34 -26.75
CA GLU A 496 -2.42 -6.07 -27.43
C GLU A 496 -3.61 -6.13 -26.45
N PHE A 497 -3.43 -6.85 -25.35
CA PHE A 497 -4.43 -6.91 -24.29
C PHE A 497 -4.73 -5.52 -23.74
N PRO A 498 -5.98 -5.26 -23.34
CA PRO A 498 -7.19 -6.08 -23.22
C PRO A 498 -8.06 -6.12 -24.50
N PHE A 499 -7.54 -5.56 -25.60
CA PHE A 499 -8.20 -5.57 -26.90
C PHE A 499 -8.19 -6.95 -27.59
N LYS A 500 -7.20 -7.77 -27.28
CA LYS A 500 -7.24 -9.17 -27.66
C LYS A 500 -6.80 -9.96 -26.48
N GLN A 501 -7.40 -11.14 -26.32
CA GLN A 501 -7.10 -12.03 -25.22
C GLN A 501 -5.59 -12.34 -25.16
N ILE A 502 -5.03 -12.56 -23.97
CA ILE A 502 -3.63 -12.96 -23.89
C ILE A 502 -3.63 -14.48 -23.81
N LYS A 503 -2.71 -15.10 -24.55
CA LYS A 503 -2.57 -16.57 -24.60
C LYS A 503 -1.61 -17.10 -23.53
N LEU A 504 -2.12 -17.95 -22.66
CA LEU A 504 -1.29 -18.56 -21.65
C LEU A 504 -1.30 -20.06 -21.86
N PRO A 505 -0.20 -20.74 -21.47
CA PRO A 505 0.98 -20.15 -20.85
C PRO A 505 1.91 -19.51 -21.91
N LEU A 506 2.83 -18.64 -21.49
CA LEU A 506 3.72 -17.93 -22.42
C LEU A 506 4.78 -18.85 -22.98
N ILE A 507 5.23 -19.76 -22.14
CA ILE A 507 6.15 -20.78 -22.50
C ILE A 507 5.53 -22.12 -22.10
N PRO A 508 5.74 -23.15 -22.93
CA PRO A 508 5.21 -24.51 -22.71
C PRO A 508 5.48 -24.99 -21.28
N ASP A 509 4.51 -25.70 -20.70
CA ASP A 509 4.66 -26.13 -19.30
C ASP A 509 5.81 -27.16 -19.11
N GLN A 510 6.64 -26.94 -18.08
CA GLN A 510 7.83 -27.79 -17.87
C GLN A 510 7.62 -29.16 -17.22
N ILE A 511 7.78 -30.18 -18.04
CA ILE A 511 7.72 -31.59 -17.63
C ILE A 511 8.96 -31.93 -16.79
N VAL A 516 13.92 -29.74 -10.50
CA VAL A 516 15.29 -29.65 -9.98
C VAL A 516 16.04 -28.43 -10.50
N ASP A 517 15.92 -27.30 -9.78
CA ASP A 517 16.61 -26.03 -10.11
C ASP A 517 16.18 -25.41 -11.44
N ASN A 518 15.05 -24.71 -11.41
CA ASN A 518 14.49 -24.09 -12.61
C ASN A 518 14.76 -22.61 -12.66
N ALA A 519 14.80 -22.00 -11.48
CA ALA A 519 15.04 -20.56 -11.31
C ALA A 519 15.79 -19.91 -12.50
N ASP A 520 17.00 -20.41 -12.78
CA ASP A 520 17.82 -19.94 -13.92
C ASP A 520 17.16 -20.05 -15.28
N PHE A 521 16.64 -21.23 -15.62
CA PHE A 521 15.89 -21.41 -16.87
C PHE A 521 14.74 -20.39 -16.95
N LEU A 522 13.96 -20.31 -15.86
CA LEU A 522 12.74 -19.51 -15.83
C LEU A 522 13.05 -18.01 -15.96
N ARG A 523 14.09 -17.58 -15.22
CA ARG A 523 14.60 -16.21 -15.32
C ARG A 523 15.00 -15.94 -16.78
N ALA A 524 15.73 -16.87 -17.37
CA ALA A 524 16.18 -16.72 -18.75
C ALA A 524 15.04 -16.58 -19.75
N HIS A 525 13.90 -17.21 -19.48
CA HIS A 525 12.74 -17.11 -20.37
C HIS A 525 11.65 -16.20 -19.81
N ALA A 526 11.97 -15.44 -18.78
CA ALA A 526 11.06 -14.45 -18.24
C ALA A 526 10.87 -13.35 -19.28
N PRO A 527 9.67 -12.79 -19.35
CA PRO A 527 9.49 -11.80 -20.41
C PRO A 527 10.12 -10.40 -20.13
N VAL A 528 10.58 -9.77 -21.21
CA VAL A 528 11.24 -8.48 -21.22
C VAL A 528 10.23 -7.50 -21.83
N PRO A 529 10.08 -6.30 -21.24
CA PRO A 529 10.79 -5.75 -20.08
C PRO A 529 10.23 -6.12 -18.70
N PHE A 530 9.11 -6.84 -18.66
CA PHE A 530 8.43 -7.15 -17.37
C PHE A 530 9.35 -7.61 -16.23
N LYS A 531 10.29 -8.52 -16.52
CA LYS A 531 11.18 -9.07 -15.46
C LYS A 531 12.00 -8.00 -14.75
N TYR A 532 12.15 -6.84 -15.37
CA TYR A 532 12.89 -5.75 -14.74
C TYR A 532 12.02 -4.75 -13.95
N TYR A 533 10.71 -4.83 -14.08
CA TYR A 533 9.86 -3.98 -13.29
C TYR A 533 10.15 -4.23 -11.79
N PRO A 534 10.10 -3.18 -10.95
CA PRO A 534 10.37 -3.34 -9.51
C PRO A 534 9.31 -4.22 -8.89
N GLU A 535 9.68 -5.03 -7.91
CA GLU A 535 8.68 -5.78 -7.16
C GLU A 535 7.53 -4.90 -6.61
N PHE A 536 7.84 -3.66 -6.21
CA PHE A 536 6.78 -2.83 -5.62
C PHE A 536 5.55 -2.67 -6.54
N VAL A 537 5.74 -2.75 -7.87
CA VAL A 537 4.56 -2.68 -8.74
C VAL A 537 3.55 -3.80 -8.49
N VAL A 538 3.98 -4.94 -7.96
CA VAL A 538 3.05 -6.00 -7.61
C VAL A 538 2.83 -6.04 -6.09
N GLU A 539 3.86 -5.72 -5.31
CA GLU A 539 3.69 -5.80 -3.86
C GLU A 539 2.67 -4.77 -3.37
N GLY A 540 2.66 -3.61 -3.99
CA GLY A 540 1.75 -2.56 -3.57
C GLY A 540 0.27 -2.94 -3.68
N PRO A 541 -0.20 -3.32 -4.89
CA PRO A 541 -1.58 -3.77 -5.06
C PRO A 541 -1.97 -4.86 -4.13
N VAL A 542 -1.11 -5.87 -4.01
CA VAL A 542 -1.52 -7.01 -3.25
C VAL A 542 -1.56 -6.74 -1.77
N ASN A 543 -0.62 -5.95 -1.23
CA ASN A 543 -0.65 -5.71 0.24
C ASN A 543 -1.94 -4.91 0.48
N TYR A 544 -2.18 -3.92 -0.36
CA TYR A 544 -3.35 -3.09 -0.22
C TYR A 544 -4.67 -3.93 -0.25
N SER A 545 -4.75 -4.82 -1.24
CA SER A 545 -5.94 -5.60 -1.48
C SER A 545 -6.22 -6.58 -0.37
N LEU A 546 -5.17 -7.25 0.12
CA LEU A 546 -5.34 -8.14 1.23
C LEU A 546 -5.79 -7.33 2.41
N TYR A 547 -5.16 -6.20 2.65
CA TYR A 547 -5.45 -5.50 3.88
C TYR A 547 -6.92 -4.99 3.81
N ILE A 548 -7.31 -4.37 2.69
CA ILE A 548 -8.58 -3.67 2.61
C ILE A 548 -9.79 -4.64 2.59
N SER A 549 -9.53 -5.91 2.34
CA SER A 549 -10.51 -7.00 2.47
C SER A 549 -11.19 -7.14 3.81
N LYS A 550 -10.58 -6.63 4.87
CA LYS A 550 -11.11 -6.84 6.21
C LYS A 550 -12.23 -5.85 6.51
N TYR A 551 -12.45 -4.88 5.62
CA TYR A 551 -13.46 -3.85 5.81
C TYR A 551 -14.80 -4.16 5.15
N GLN A 552 -15.85 -4.16 5.98
CA GLN A 552 -17.23 -4.21 5.51
C GLN A 552 -17.43 -3.37 4.22
N THR A 553 -16.86 -2.16 4.19
CA THR A 553 -17.10 -1.23 3.08
C THR A 553 -15.98 -1.30 2.02
N SER A 554 -15.22 -2.39 2.02
CA SER A 554 -14.13 -2.63 1.12
C SER A 554 -14.47 -2.27 -0.32
N PRO A 555 -13.55 -1.56 -1.01
CA PRO A 555 -13.80 -1.16 -2.39
C PRO A 555 -13.75 -2.35 -3.36
N ILE A 556 -13.24 -3.48 -2.89
CA ILE A 556 -13.16 -4.70 -3.66
C ILE A 556 -14.50 -5.41 -3.82
N PHE A 557 -15.28 -5.48 -2.75
CA PHE A 557 -16.57 -6.15 -2.77
C PHE A 557 -17.51 -5.51 -3.84
N ARG A 558 -17.94 -6.35 -4.80
CA ARG A 558 -18.89 -5.95 -5.87
C ARG A 558 -18.40 -4.73 -6.71
N ASN A 559 -17.15 -4.78 -7.12
CA ASN A 559 -16.61 -3.73 -7.93
C ASN A 559 -16.52 -4.34 -9.33
N PRO A 560 -17.24 -3.77 -10.30
CA PRO A 560 -17.20 -4.41 -11.63
C PRO A 560 -15.81 -4.48 -12.25
N ARG A 561 -14.80 -3.73 -11.77
CA ARG A 561 -13.45 -3.85 -12.33
C ARG A 561 -12.60 -4.93 -11.67
N LEU A 562 -13.12 -5.56 -10.62
CA LEU A 562 -12.41 -6.56 -9.86
C LEU A 562 -11.75 -7.59 -10.76
N GLY A 563 -12.49 -8.06 -11.77
CA GLY A 563 -12.00 -8.92 -12.82
C GLY A 563 -10.58 -8.68 -13.29
N SER A 564 -10.19 -7.42 -13.46
CA SER A 564 -8.86 -7.12 -14.02
C SER A 564 -7.73 -7.60 -13.11
N PHE A 565 -7.91 -7.36 -11.81
CA PHE A 565 -6.95 -7.79 -10.81
C PHE A 565 -6.88 -9.33 -10.68
N VAL A 566 -8.02 -9.99 -10.66
CA VAL A 566 -8.04 -11.46 -10.59
C VAL A 566 -7.37 -12.06 -11.83
N GLU A 567 -7.60 -11.39 -12.94
CA GLU A 567 -6.97 -11.76 -14.19
C GLU A 567 -5.43 -11.75 -14.02
N PHE A 568 -4.92 -10.60 -13.58
CA PHE A 568 -3.49 -10.43 -13.38
C PHE A 568 -2.95 -11.47 -12.42
N THR A 569 -3.71 -11.71 -11.35
CA THR A 569 -3.32 -12.68 -10.33
C THR A 569 -3.20 -14.07 -10.91
N THR A 570 -4.18 -14.47 -11.71
CA THR A 570 -4.17 -15.82 -12.23
C THR A 570 -3.01 -16.00 -13.24
N MET A 571 -2.76 -14.96 -14.05
CA MET A 571 -1.60 -14.95 -14.95
C MET A 571 -0.31 -15.24 -14.20
N VAL A 572 -0.13 -14.53 -13.10
CA VAL A 572 1.06 -14.61 -12.28
C VAL A 572 1.18 -15.98 -11.64
N LEU A 573 0.06 -16.55 -11.19
CA LEU A 573 0.10 -17.92 -10.66
C LEU A 573 0.23 -18.98 -11.72
N ARG A 574 -0.21 -18.68 -12.95
CA ARG A 574 -0.16 -19.66 -14.02
C ARG A 574 1.25 -19.76 -14.65
N CYS A 575 2.02 -18.69 -14.56
CA CYS A 575 3.31 -18.61 -15.26
C CYS A 575 4.42 -18.36 -14.24
N PRO A 576 5.05 -19.44 -13.74
CA PRO A 576 6.03 -19.26 -12.63
C PRO A 576 7.17 -18.25 -12.97
N GLU A 577 7.41 -18.08 -14.25
CA GLU A 577 8.41 -17.19 -14.86
C GLU A 577 8.24 -15.70 -14.48
N LEU A 578 7.00 -15.29 -14.23
CA LEU A 578 6.73 -13.87 -14.13
C LEU A 578 7.22 -13.20 -12.87
N VAL A 579 7.01 -13.84 -11.73
CA VAL A 579 7.32 -13.27 -10.43
C VAL A 579 8.06 -14.34 -9.65
N SER A 580 9.34 -14.14 -9.37
CA SER A 580 10.13 -15.21 -8.75
C SER A 580 9.88 -15.28 -7.26
N ASN A 581 9.54 -14.16 -6.65
CA ASN A 581 9.36 -14.12 -5.20
C ASN A 581 8.11 -14.91 -4.67
N PRO A 582 8.32 -16.01 -3.93
CA PRO A 582 7.18 -16.87 -3.59
C PRO A 582 6.37 -16.36 -2.40
N HIS A 583 6.92 -15.44 -1.63
CA HIS A 583 6.06 -14.81 -0.65
C HIS A 583 5.02 -13.92 -1.34
N LEU A 584 5.41 -13.28 -2.44
CA LEU A 584 4.50 -12.46 -3.22
C LEU A 584 3.39 -13.34 -3.74
N LYS A 585 3.73 -14.49 -4.34
CA LYS A 585 2.70 -15.35 -4.86
C LYS A 585 1.82 -15.91 -3.75
N GLY A 586 2.41 -16.07 -2.57
CA GLY A 586 1.72 -16.52 -1.37
C GLY A 586 0.62 -15.55 -0.98
N LYS A 587 0.94 -14.26 -1.01
CA LYS A 587 -0.03 -13.26 -0.74
C LYS A 587 -1.17 -13.30 -1.84
N LEU A 588 -0.80 -13.55 -3.10
CA LEU A 588 -1.75 -13.53 -4.21
C LEU A 588 -2.73 -14.66 -4.05
N VAL A 589 -2.25 -15.84 -3.70
CA VAL A 589 -3.15 -16.96 -3.55
C VAL A 589 -4.01 -16.75 -2.31
N GLN A 590 -3.46 -16.10 -1.30
CA GLN A 590 -4.25 -15.82 -0.12
C GLN A 590 -5.43 -14.89 -0.47
N LEU A 591 -5.16 -13.89 -1.29
CA LEU A 591 -6.21 -13.04 -1.82
C LEU A 591 -7.29 -13.81 -2.60
N LEU A 592 -6.91 -14.72 -3.48
CA LEU A 592 -7.91 -15.50 -4.18
C LEU A 592 -8.77 -16.30 -3.20
N SER A 593 -8.17 -16.76 -2.11
CA SER A 593 -8.91 -17.59 -1.19
C SER A 593 -9.95 -16.76 -0.46
N VAL A 594 -9.64 -15.51 -0.09
CA VAL A 594 -10.62 -14.60 0.51
C VAL A 594 -11.83 -14.39 -0.46
N GLY A 595 -11.54 -14.33 -1.76
CA GLY A 595 -12.57 -14.28 -2.75
C GLY A 595 -13.40 -15.53 -2.93
N ALA A 596 -12.90 -16.65 -2.44
CA ALA A 596 -13.56 -17.87 -2.69
C ALA A 596 -14.38 -18.23 -1.48
N MET A 597 -14.03 -17.65 -0.33
CA MET A 597 -14.72 -18.01 0.91
C MET A 597 -16.22 -17.73 0.78
N PRO A 598 -17.07 -18.73 1.03
CA PRO A 598 -18.51 -18.51 0.99
C PRO A 598 -18.88 -17.40 1.96
N LEU A 599 -19.89 -16.59 1.64
CA LEU A 599 -20.30 -15.52 2.58
C LEU A 599 -21.14 -16.08 3.74
N THR A 600 -21.17 -15.33 4.84
CA THR A 600 -21.90 -15.67 6.08
C THR A 600 -23.30 -16.30 5.87
N ASP A 601 -23.97 -15.94 4.77
CA ASP A 601 -25.29 -16.50 4.41
C ASP A 601 -25.24 -17.73 3.47
N ASN A 602 -24.03 -18.18 3.13
CA ASN A 602 -23.76 -19.40 2.31
C ASN A 602 -23.73 -19.20 0.81
N SER A 603 -23.92 -17.97 0.40
CA SER A 603 -23.80 -17.61 -0.99
C SER A 603 -22.31 -17.73 -1.41
N PRO A 604 -22.04 -17.94 -2.71
CA PRO A 604 -20.69 -17.93 -3.24
C PRO A 604 -19.90 -16.70 -2.79
N GLY A 605 -18.60 -16.89 -2.56
CA GLY A 605 -17.68 -15.78 -2.33
C GLY A 605 -17.66 -14.81 -3.51
N PHE A 606 -17.21 -13.59 -3.23
CA PHE A 606 -17.34 -12.47 -4.14
C PHE A 606 -16.55 -12.59 -5.42
N MET A 607 -15.59 -13.52 -5.48
CA MET A 607 -14.84 -13.72 -6.73
C MET A 607 -15.39 -14.89 -7.53
N MET A 608 -16.31 -15.66 -6.96
CA MET A 608 -16.79 -16.86 -7.67
C MET A 608 -17.33 -16.55 -9.02
N ASP A 609 -18.05 -15.46 -9.12
CA ASP A 609 -18.62 -15.09 -10.38
C ASP A 609 -17.58 -14.89 -11.48
N ILE A 610 -16.51 -14.17 -11.16
CA ILE A 610 -15.40 -13.95 -12.07
C ILE A 610 -14.70 -15.26 -12.43
N PHE A 611 -14.43 -16.10 -11.42
CA PHE A 611 -13.75 -17.38 -11.65
C PHE A 611 -14.55 -18.15 -12.65
N GLU A 612 -15.86 -18.04 -12.57
CA GLU A 612 -16.74 -18.77 -13.48
C GLU A 612 -16.74 -18.24 -14.90
N HIS A 613 -16.87 -16.93 -15.02
CA HIS A 613 -17.19 -16.35 -16.33
C HIS A 613 -16.07 -15.67 -17.04
N ASP A 614 -14.98 -15.32 -16.35
CA ASP A 614 -13.88 -14.64 -17.04
C ASP A 614 -13.02 -15.69 -17.77
N GLU A 615 -13.05 -15.67 -19.11
CA GLU A 615 -12.33 -16.64 -19.92
C GLU A 615 -10.85 -16.80 -19.56
N LEU A 616 -10.11 -15.71 -19.38
CA LEU A 616 -8.69 -15.83 -19.05
C LEU A 616 -8.51 -16.56 -17.73
N VAL A 617 -9.35 -16.24 -16.76
CA VAL A 617 -9.38 -16.97 -15.50
C VAL A 617 -9.82 -18.46 -15.64
N ASN A 618 -10.97 -18.73 -16.28
CA ASN A 618 -11.44 -20.12 -16.25
C ASN A 618 -10.56 -21.06 -17.03
N LYS A 619 -9.80 -20.51 -17.99
CA LYS A 619 -8.88 -21.34 -18.76
C LYS A 619 -7.64 -21.69 -17.96
N ASN A 620 -7.30 -20.87 -16.96
CA ASN A 620 -5.98 -20.97 -16.35
C ASN A 620 -5.87 -21.27 -14.85
N LEU A 621 -6.92 -20.97 -14.08
CA LEU A 621 -6.82 -21.00 -12.62
C LEU A 621 -6.64 -22.38 -12.06
N LEU A 622 -7.39 -23.35 -12.53
CA LEU A 622 -7.27 -24.68 -11.99
C LEU A 622 -5.85 -25.25 -12.07
N TYR A 623 -5.30 -25.29 -13.29
CA TYR A 623 -3.89 -25.65 -13.53
C TYR A 623 -2.98 -24.83 -12.64
N ALA A 624 -3.15 -23.51 -12.66
CA ALA A 624 -2.33 -22.61 -11.84
C ALA A 624 -2.32 -23.04 -10.38
N LEU A 625 -3.47 -23.39 -9.83
CA LEU A 625 -3.54 -23.76 -8.41
C LEU A 625 -2.88 -25.11 -8.15
N LEU A 626 -3.13 -26.10 -9.02
CA LEU A 626 -2.56 -27.44 -8.80
C LEU A 626 -1.05 -27.39 -9.01
N ASP A 627 -0.59 -26.49 -9.89
CA ASP A 627 0.81 -26.40 -10.13
C ASP A 627 1.49 -25.71 -8.98
N PHE A 628 0.93 -24.60 -8.49
CA PHE A 628 1.50 -23.86 -7.36
C PHE A 628 1.53 -24.69 -6.07
N TYR A 629 0.57 -25.55 -5.87
CA TYR A 629 0.53 -26.42 -4.70
C TYR A 629 1.78 -27.27 -4.55
N VAL A 630 2.37 -27.64 -5.68
CA VAL A 630 3.55 -28.48 -5.75
C VAL A 630 4.82 -27.64 -5.66
N ILE A 631 4.95 -26.70 -6.57
CA ILE A 631 6.08 -25.80 -6.60
C ILE A 631 6.43 -25.18 -5.23
N VAL A 632 5.46 -24.90 -4.37
CA VAL A 632 5.87 -24.26 -3.09
C VAL A 632 6.74 -25.12 -2.21
N GLU A 633 6.78 -26.43 -2.45
CA GLU A 633 7.74 -27.31 -1.76
C GLU A 633 9.14 -26.75 -1.82
N LYS A 634 9.60 -26.39 -3.03
CA LYS A 634 10.98 -25.93 -3.26
C LYS A 634 11.25 -24.53 -2.66
N THR A 635 10.43 -24.14 -1.69
CA THR A 635 10.62 -22.87 -1.02
C THR A 635 11.83 -22.96 -0.08
N GLY A 636 13.03 -22.86 -0.68
CA GLY A 636 14.32 -23.05 0.01
C GLY A 636 14.46 -22.32 1.34
N SER A 637 14.92 -21.07 1.28
CA SER A 637 14.74 -20.14 2.41
C SER A 637 13.28 -19.66 2.32
N SER A 638 12.64 -19.46 3.47
CA SER A 638 11.20 -19.13 3.54
C SER A 638 10.66 -19.33 4.94
N SER A 639 9.63 -18.55 5.27
CA SER A 639 8.91 -18.74 6.52
C SER A 639 7.52 -18.12 6.54
N GLN A 640 6.63 -18.81 7.24
CA GLN A 640 5.30 -18.34 7.66
C GLN A 640 5.24 -16.85 8.13
N PHE A 641 4.17 -16.12 7.81
CA PHE A 641 3.04 -16.61 6.98
C PHE A 641 3.45 -16.73 5.50
N TYR A 642 2.49 -17.13 4.67
CA TYR A 642 2.74 -17.42 3.23
C TYR A 642 3.76 -18.60 3.04
N ASP A 643 4.08 -19.29 4.17
CA ASP A 643 4.52 -20.70 4.26
C ASP A 643 3.91 -21.61 3.17
N LYS A 644 4.56 -22.75 2.92
CA LYS A 644 4.08 -23.64 1.89
C LYS A 644 2.78 -24.23 2.38
N PHE A 645 2.64 -24.31 3.71
CA PHE A 645 1.45 -24.90 4.31
C PHE A 645 0.26 -23.93 4.32
N ASN A 646 0.57 -22.63 4.46
CA ASN A 646 -0.46 -21.60 4.44
C ASN A 646 -0.99 -21.49 3.02
N SER A 647 -0.06 -21.47 2.07
CA SER A 647 -0.43 -21.47 0.68
C SER A 647 -1.26 -22.71 0.32
N ARG A 648 -0.90 -23.88 0.85
CA ARG A 648 -1.66 -25.06 0.48
C ARG A 648 -3.06 -24.99 1.08
N TYR A 649 -3.16 -24.42 2.28
CA TYR A 649 -4.44 -24.18 2.93
C TYR A 649 -5.26 -23.22 2.09
N SER A 650 -4.68 -22.12 1.68
CA SER A 650 -5.40 -21.18 0.86
C SER A 650 -5.82 -21.83 -0.43
N ILE A 651 -4.97 -22.65 -1.02
CA ILE A 651 -5.32 -23.29 -2.27
C ILE A 651 -6.48 -24.25 -2.09
N SER A 652 -6.51 -24.93 -0.95
CA SER A 652 -7.54 -25.92 -0.69
C SER A 652 -8.93 -25.30 -0.60
N ILE A 653 -9.00 -24.11 0.01
CA ILE A 653 -10.26 -23.38 0.07
C ILE A 653 -10.81 -23.15 -1.34
N ILE A 654 -9.97 -22.66 -2.24
CA ILE A 654 -10.38 -22.36 -3.60
C ILE A 654 -10.72 -23.65 -4.35
N LEU A 655 -9.93 -24.69 -4.14
CA LEU A 655 -10.17 -25.93 -4.83
C LEU A 655 -11.52 -26.50 -4.46
N GLU A 656 -11.81 -26.45 -3.18
CA GLU A 656 -13.01 -27.03 -2.65
C GLU A 656 -14.24 -26.27 -3.12
N GLU A 657 -14.20 -24.94 -3.08
CA GLU A 657 -15.31 -24.12 -3.55
C GLU A 657 -15.51 -24.19 -5.08
N LEU A 658 -14.42 -24.21 -5.83
CA LEU A 658 -14.55 -24.37 -7.28
C LEU A 658 -15.36 -25.63 -7.60
N TYR A 659 -14.97 -26.74 -6.97
CA TYR A 659 -15.58 -28.06 -7.13
C TYR A 659 -17.03 -28.11 -6.66
N TYR A 660 -17.41 -27.42 -5.60
CA TYR A 660 -18.81 -27.44 -5.14
C TYR A 660 -19.70 -26.67 -6.08
N LYS A 661 -19.27 -25.47 -6.45
CA LYS A 661 -20.21 -24.51 -6.98
C LYS A 661 -20.06 -24.25 -8.48
N ILE A 662 -18.94 -24.68 -9.10
CA ILE A 662 -18.76 -24.37 -10.54
C ILE A 662 -18.41 -25.62 -11.40
N PRO A 663 -19.46 -26.14 -12.12
CA PRO A 663 -19.34 -27.44 -12.82
C PRO A 663 -18.15 -27.45 -13.77
N SER A 664 -17.93 -26.35 -14.49
CA SER A 664 -16.80 -26.31 -15.42
C SER A 664 -15.40 -26.64 -14.76
N TYR A 665 -15.19 -26.22 -13.51
CA TYR A 665 -13.95 -26.52 -12.76
C TYR A 665 -13.95 -27.95 -12.25
N LYS A 666 -15.13 -28.46 -11.90
CA LYS A 666 -15.22 -29.85 -11.57
C LYS A 666 -14.79 -30.69 -12.76
N ASN A 667 -15.30 -30.35 -13.95
CA ASN A 667 -14.89 -31.09 -15.18
C ASN A 667 -13.42 -30.94 -15.51
N GLN A 668 -12.86 -29.74 -15.32
CA GLN A 668 -11.44 -29.58 -15.60
C GLN A 668 -10.59 -30.41 -14.64
N LEU A 669 -11.07 -30.57 -13.41
CA LEU A 669 -10.36 -31.37 -12.46
C LEU A 669 -10.36 -32.85 -12.85
N ILE A 670 -11.54 -33.39 -13.16
CA ILE A 670 -11.70 -34.76 -13.63
C ILE A 670 -10.86 -35.00 -14.89
N TRP A 671 -10.90 -34.05 -15.81
CA TRP A 671 -10.09 -34.02 -17.03
C TRP A 671 -8.58 -34.12 -16.75
N GLN A 672 -8.06 -33.29 -15.84
CA GLN A 672 -6.67 -33.37 -15.48
C GLN A 672 -6.35 -34.79 -14.98
N SER A 673 -7.27 -35.41 -14.24
CA SER A 673 -6.99 -36.74 -13.68
C SER A 673 -7.00 -37.85 -14.73
N GLN A 674 -7.71 -37.62 -15.83
CA GLN A 674 -7.88 -38.66 -16.83
C GLN A 674 -6.94 -38.50 -17.99
N ASN A 675 -6.62 -37.24 -18.29
CA ASN A 675 -5.93 -36.87 -19.51
C ASN A 675 -4.61 -36.17 -19.23
N ASN A 676 -4.33 -35.88 -17.97
CA ASN A 676 -3.03 -35.34 -17.63
C ASN A 676 -2.62 -35.92 -16.29
N ALA A 677 -2.69 -37.23 -16.20
CA ALA A 677 -2.50 -37.94 -14.93
C ALA A 677 -1.18 -37.59 -14.21
N ASP A 678 -0.08 -37.47 -14.96
CA ASP A 678 1.23 -37.21 -14.38
C ASP A 678 1.24 -35.89 -13.62
N PHE A 679 0.54 -34.88 -14.14
CA PHE A 679 0.51 -33.58 -13.50
C PHE A 679 -0.39 -33.75 -12.27
N PHE A 680 -1.46 -34.48 -12.44
CA PHE A 680 -2.42 -34.57 -11.40
C PHE A 680 -1.96 -35.43 -10.24
N VAL A 681 -1.26 -36.55 -10.53
CA VAL A 681 -0.73 -37.44 -9.48
C VAL A 681 0.29 -36.72 -8.62
N ARG A 682 0.99 -35.77 -9.22
CA ARG A 682 2.03 -35.04 -8.54
C ARG A 682 1.43 -34.18 -7.41
N PHE A 683 0.33 -33.50 -7.73
CA PHE A 683 -0.49 -32.82 -6.72
C PHE A 683 -0.98 -33.80 -5.66
N VAL A 684 -1.51 -34.95 -6.07
CA VAL A 684 -2.08 -35.85 -5.09
C VAL A 684 -1.02 -36.39 -4.14
N ALA A 685 0.09 -36.89 -4.68
CA ALA A 685 1.24 -37.36 -3.88
C ALA A 685 1.64 -36.31 -2.85
N ARG A 686 1.73 -35.04 -3.25
CA ARG A 686 2.08 -34.03 -2.26
C ARG A 686 1.05 -33.91 -1.14
N MET A 687 -0.21 -33.80 -1.53
CA MET A 687 -1.26 -33.80 -0.58
C MET A 687 -1.19 -35.05 0.31
N LEU A 688 -0.90 -36.21 -0.28
CA LEU A 688 -0.91 -37.42 0.48
C LEU A 688 0.26 -37.34 1.48
N ASN A 689 1.43 -36.96 0.99
CA ASN A 689 2.64 -36.96 1.81
C ASN A 689 2.53 -36.00 3.01
N ASP A 690 1.99 -34.79 2.81
CA ASP A 690 1.77 -33.88 3.94
C ASP A 690 0.79 -34.54 4.93
N LEU A 691 -0.19 -35.27 4.41
CA LEU A 691 -1.17 -35.85 5.31
C LEU A 691 -0.60 -36.99 6.17
N THR A 692 0.64 -37.46 5.88
CA THR A 692 1.31 -38.43 6.76
C THR A 692 1.73 -37.80 8.06
N PHE A 693 2.07 -36.50 8.06
CA PHE A 693 2.56 -35.89 9.30
C PHE A 693 1.69 -34.77 9.93
N LEU A 694 0.76 -34.22 9.16
CA LEU A 694 0.10 -32.92 9.57
C LEU A 694 -0.68 -33.03 10.85
N LEU A 695 -1.39 -34.13 11.06
CA LEU A 695 -2.07 -34.36 12.35
C LEU A 695 -1.10 -34.53 13.52
N ASP A 696 -0.06 -35.36 13.33
CA ASP A 696 1.03 -35.48 14.32
C ASP A 696 1.55 -34.11 14.71
N GLU A 697 1.83 -33.33 13.69
CA GLU A 697 2.45 -32.01 13.86
C GLU A 697 1.48 -31.10 14.62
N GLY A 698 0.21 -31.20 14.28
CA GLY A 698 -0.84 -30.48 15.01
C GLY A 698 -0.98 -30.87 16.47
N LEU A 699 -1.05 -32.17 16.74
CA LEU A 699 -1.09 -32.70 18.12
C LEU A 699 0.17 -32.34 18.91
N SER A 700 1.32 -32.53 18.27
CA SER A 700 2.59 -32.25 18.93
C SER A 700 2.65 -30.76 19.32
N ASN A 701 2.26 -29.87 18.41
CA ASN A 701 2.21 -28.46 18.77
C ASN A 701 1.21 -28.15 19.85
N LEU A 702 0.06 -28.81 19.81
CA LEU A 702 -0.95 -28.69 20.88
C LEU A 702 -0.43 -29.16 22.25
N ALA A 703 0.44 -30.16 22.28
CA ALA A 703 1.06 -30.61 23.56
C ALA A 703 2.18 -29.67 24.03
N GLU A 704 2.86 -29.05 23.09
CA GLU A 704 3.88 -28.07 23.44
C GLU A 704 3.21 -26.81 24.04
N VAL A 705 2.03 -26.45 23.54
CA VAL A 705 1.17 -25.43 24.20
C VAL A 705 0.90 -25.81 25.67
N HIS A 706 0.50 -27.06 25.92
CA HIS A 706 0.25 -27.44 27.32
C HIS A 706 1.50 -27.46 28.20
N ASN A 707 2.64 -27.86 27.66
CA ASN A 707 3.91 -27.83 28.37
C ASN A 707 4.25 -26.42 28.79
N ILE A 708 4.09 -25.51 27.83
CA ILE A 708 4.34 -24.09 27.99
C ILE A 708 3.37 -23.46 28.98
N GLN A 709 2.07 -23.66 28.77
CA GLN A 709 1.05 -23.18 29.70
C GLN A 709 1.23 -23.64 31.15
N ASN A 710 1.58 -24.91 31.33
CA ASN A 710 1.90 -25.45 32.67
C ASN A 710 3.20 -24.92 33.28
N GLU A 711 4.19 -24.62 32.44
CA GLU A 711 5.41 -23.94 32.90
C GLU A 711 5.09 -22.53 33.41
N LEU A 712 4.17 -21.84 32.72
CA LEU A 712 3.70 -20.53 33.17
C LEU A 712 3.00 -20.59 34.54
N ASP A 713 2.12 -21.57 34.71
CA ASP A 713 1.33 -21.72 35.95
C ASP A 713 2.15 -21.97 37.21
N ASN A 714 3.34 -22.58 37.06
CA ASN A 714 4.24 -22.99 38.17
C ASN A 714 4.16 -22.25 39.53
N ARG A 715 4.41 -20.93 39.54
CA ARG A 715 4.33 -20.02 40.70
C ARG A 715 5.25 -20.31 41.89
N ALA A 716 5.47 -21.59 42.21
CA ALA A 716 6.49 -21.96 43.20
C ALA A 716 7.84 -21.99 42.48
N ARG A 717 7.77 -22.19 41.16
CA ARG A 717 8.88 -22.13 40.19
C ARG A 717 9.94 -23.24 40.30
N GLY A 718 10.41 -23.69 39.14
CA GLY A 718 11.48 -24.68 39.05
C GLY A 718 12.85 -24.02 39.07
N ALA A 719 13.30 -23.47 37.93
CA ALA A 719 12.58 -23.49 36.67
C ALA A 719 12.96 -24.73 35.87
N PRO A 720 11.96 -25.57 35.50
CA PRO A 720 12.15 -26.82 34.77
C PRO A 720 12.10 -26.61 33.26
N ARG A 723 13.49 -25.32 30.96
CA ARG A 723 13.88 -24.02 31.50
C ARG A 723 12.82 -22.97 31.18
N GLU A 724 12.63 -22.02 32.10
CA GLU A 724 11.70 -20.89 31.89
C GLU A 724 12.26 -19.80 30.95
N GLU A 725 13.34 -20.15 30.22
CA GLU A 725 14.13 -19.22 29.41
C GLU A 725 13.83 -17.78 29.79
N GLU A 726 13.01 -17.14 28.97
CA GLU A 726 12.47 -15.83 29.30
C GLU A 726 10.94 -15.91 29.14
N ASP A 727 10.25 -15.55 30.22
CA ASP A 727 8.80 -15.39 30.24
C ASP A 727 8.21 -14.85 28.91
N LYS A 728 8.79 -13.77 28.40
CA LYS A 728 8.37 -13.26 27.10
C LYS A 728 8.69 -14.23 25.95
N GLU A 729 9.79 -14.98 26.03
CA GLU A 729 10.12 -15.93 24.98
C GLU A 729 9.11 -17.10 25.00
N LEU A 730 8.58 -17.37 26.19
CA LEU A 730 7.51 -18.36 26.37
C LEU A 730 6.22 -17.94 25.68
N GLN A 731 5.84 -16.67 25.84
CA GLN A 731 4.64 -16.14 25.19
C GLN A 731 4.84 -16.16 23.69
N THR A 732 6.07 -15.89 23.26
CA THR A 732 6.43 -16.01 21.87
C THR A 732 6.33 -17.47 21.41
N ARG A 733 6.88 -18.35 22.23
CA ARG A 733 6.87 -19.78 21.91
C ARG A 733 5.44 -20.38 22.01
N LEU A 734 4.64 -19.83 22.93
CA LEU A 734 3.22 -20.20 23.06
C LEU A 734 2.34 -19.73 21.90
N ALA A 735 2.50 -18.48 21.45
CA ALA A 735 1.84 -18.01 20.23
C ALA A 735 2.32 -18.81 19.02
N SER A 736 3.63 -19.03 18.95
CA SER A 736 4.18 -19.84 17.87
C SER A 736 3.62 -21.30 17.77
N ALA A 737 3.48 -21.99 18.91
CA ALA A 737 2.93 -23.32 18.91
C ALA A 737 1.45 -23.27 18.54
N SER A 738 0.75 -22.19 18.93
CA SER A 738 -0.67 -21.99 18.61
C SER A 738 -0.85 -21.80 17.12
N ARG A 739 -0.03 -20.94 16.52
CA ARG A 739 -0.06 -20.80 15.06
C ARG A 739 0.14 -22.14 14.35
N GLN A 740 1.23 -22.81 14.68
CA GLN A 740 1.57 -24.07 13.99
C GLN A 740 0.52 -25.16 14.23
N ALA A 741 -0.07 -25.21 15.42
CA ALA A 741 -1.15 -26.17 15.66
C ALA A 741 -2.36 -25.92 14.72
N LYS A 742 -2.76 -24.65 14.57
CA LYS A 742 -3.94 -24.32 13.78
C LYS A 742 -3.68 -24.57 12.30
N SER A 743 -2.51 -24.15 11.88
CA SER A 743 -2.10 -24.23 10.51
C SER A 743 -2.02 -25.72 10.05
N SER A 744 -1.41 -26.59 10.87
CA SER A 744 -1.40 -28.04 10.61
C SER A 744 -2.78 -28.76 10.69
N CYS A 745 -3.57 -28.50 11.75
CA CYS A 745 -4.86 -29.15 11.84
C CYS A 745 -5.78 -28.64 10.70
N GLY A 746 -5.73 -27.32 10.45
CA GLY A 746 -6.52 -26.68 9.40
C GLY A 746 -6.28 -27.31 8.05
N LEU A 747 -5.02 -27.33 7.60
CA LEU A 747 -4.66 -28.03 6.37
C LEU A 747 -5.08 -29.52 6.31
N ALA A 748 -4.80 -30.27 7.38
CA ALA A 748 -5.22 -31.67 7.48
C ALA A 748 -6.72 -31.83 7.20
N ASP A 749 -7.52 -30.93 7.77
CA ASP A 749 -8.96 -30.95 7.57
C ASP A 749 -9.21 -30.72 6.08
N LYS A 750 -8.67 -29.64 5.52
CA LYS A 750 -8.90 -29.37 4.12
C LYS A 750 -8.43 -30.52 3.25
N SER A 751 -7.19 -31.01 3.40
CA SER A 751 -6.72 -32.09 2.52
C SER A 751 -7.61 -33.29 2.59
N MET A 752 -8.06 -33.64 3.78
CA MET A 752 -8.81 -34.85 3.91
C MET A 752 -10.15 -34.61 3.17
N LYS A 753 -10.68 -33.40 3.27
CA LYS A 753 -11.91 -33.08 2.58
C LYS A 753 -11.74 -33.13 1.04
N LEU A 754 -10.64 -32.60 0.53
CA LEU A 754 -10.29 -32.80 -0.88
C LEU A 754 -10.23 -34.29 -1.23
N PHE A 755 -9.59 -35.13 -0.40
CA PHE A 755 -9.62 -36.56 -0.70
C PHE A 755 -11.05 -37.12 -0.79
N GLU A 756 -11.93 -36.66 0.09
CA GLU A 756 -13.29 -37.13 0.14
C GLU A 756 -14.08 -36.76 -1.11
N ILE A 757 -14.06 -35.50 -1.46
CA ILE A 757 -14.88 -35.07 -2.58
C ILE A 757 -14.35 -35.56 -3.94
N TYR A 758 -13.03 -35.63 -4.11
CA TYR A 758 -12.50 -36.16 -5.35
C TYR A 758 -12.71 -37.64 -5.48
N SER A 759 -12.50 -38.41 -4.39
CA SER A 759 -12.51 -39.88 -4.46
C SER A 759 -13.92 -40.34 -4.77
N LYS A 760 -14.87 -39.45 -4.47
CA LYS A 760 -16.27 -39.62 -4.73
C LYS A 760 -16.54 -39.76 -6.26
N ASP A 761 -15.84 -38.95 -7.06
CA ASP A 761 -16.09 -38.88 -8.49
C ASP A 761 -15.08 -39.60 -9.32
N ILE A 762 -13.81 -39.59 -8.87
CA ILE A 762 -12.76 -40.30 -9.63
C ILE A 762 -11.98 -41.30 -8.80
N PRO A 763 -12.70 -42.28 -8.23
CA PRO A 763 -12.00 -43.18 -7.32
C PRO A 763 -10.74 -43.79 -7.96
N ALA A 764 -10.74 -43.97 -9.27
CA ALA A 764 -9.63 -44.71 -9.91
C ALA A 764 -8.33 -43.93 -9.97
N ALA A 765 -8.40 -42.61 -9.83
CA ALA A 765 -7.18 -41.79 -9.70
C ALA A 765 -6.40 -42.13 -8.43
N PHE A 766 -7.03 -42.82 -7.49
CA PHE A 766 -6.46 -42.96 -6.15
C PHE A 766 -6.01 -44.36 -5.93
N VAL A 767 -6.12 -45.18 -6.97
CA VAL A 767 -5.81 -46.57 -6.81
C VAL A 767 -4.75 -47.11 -7.73
N THR A 768 -4.04 -46.24 -8.43
CA THR A 768 -2.90 -46.68 -9.26
C THR A 768 -1.71 -47.00 -8.33
N PRO A 769 -0.73 -47.80 -8.80
CA PRO A 769 0.35 -48.26 -7.96
C PRO A 769 1.04 -47.18 -7.12
N GLU A 770 1.28 -46.00 -7.65
CA GLU A 770 2.14 -45.07 -6.94
C GLU A 770 1.45 -44.37 -5.80
N ILE A 771 0.13 -44.47 -5.80
CA ILE A 771 -0.70 -43.86 -4.78
C ILE A 771 -1.30 -44.87 -3.82
N VAL A 772 -1.77 -46.02 -4.31
CA VAL A 772 -2.70 -46.81 -3.51
C VAL A 772 -2.12 -47.39 -2.21
N TYR A 773 -0.88 -47.88 -2.24
CA TYR A 773 -0.23 -48.36 -1.01
C TYR A 773 0.09 -47.23 -0.03
N ARG A 774 0.59 -46.12 -0.55
CA ARG A 774 0.86 -44.97 0.28
C ARG A 774 -0.42 -44.41 0.90
N LEU A 775 -1.49 -44.39 0.09
CA LEU A 775 -2.78 -43.92 0.56
C LEU A 775 -3.33 -44.80 1.68
N ALA A 776 -3.32 -46.11 1.48
CA ALA A 776 -3.82 -47.00 2.52
C ALA A 776 -3.06 -46.75 3.81
N SER A 777 -1.74 -46.62 3.66
CA SER A 777 -0.87 -46.48 4.81
C SER A 777 -1.15 -45.19 5.56
N MET A 778 -1.29 -44.10 4.80
CA MET A 778 -1.66 -42.82 5.38
C MET A 778 -3.07 -42.77 6.01
N LEU A 779 -4.05 -43.38 5.37
CA LEU A 779 -5.44 -43.33 5.89
C LEU A 779 -5.49 -44.10 7.19
N ASN A 780 -4.86 -45.30 7.20
CA ASN A 780 -4.87 -46.20 8.38
C ASN A 780 -4.17 -45.52 9.57
N TYR A 781 -3.07 -44.83 9.31
CA TYR A 781 -2.30 -44.16 10.36
C TYR A 781 -3.11 -43.01 10.96
N ASN A 782 -3.70 -42.21 10.09
CA ASN A 782 -4.51 -41.08 10.54
C ASN A 782 -5.72 -41.66 11.29
N LEU A 783 -6.24 -42.79 10.79
CA LEU A 783 -7.33 -43.50 11.49
C LEU A 783 -6.92 -43.87 12.89
N GLU A 784 -5.69 -44.35 13.08
CA GLU A 784 -5.23 -44.76 14.41
C GLU A 784 -5.16 -43.59 15.40
N SER A 785 -4.75 -42.40 14.95
CA SER A 785 -4.75 -41.23 15.85
C SER A 785 -6.14 -40.86 16.30
N LEU A 786 -7.05 -40.81 15.34
CA LEU A 786 -8.41 -40.31 15.53
C LEU A 786 -9.18 -41.24 16.45
N VAL A 787 -8.91 -42.54 16.41
CA VAL A 787 -9.69 -43.45 17.25
C VAL A 787 -8.96 -43.94 18.45
N GLY A 788 -7.76 -43.42 18.66
CA GLY A 788 -6.98 -43.88 19.81
C GLY A 788 -6.55 -42.72 20.67
N PRO A 789 -5.54 -42.94 21.54
CA PRO A 789 -5.18 -41.90 22.50
C PRO A 789 -4.53 -40.69 21.86
N LYS A 790 -4.01 -40.80 20.64
CA LYS A 790 -3.35 -39.61 20.09
C LYS A 790 -4.34 -38.44 20.06
N CYS A 791 -5.54 -38.70 19.56
CA CYS A 791 -6.60 -37.68 19.64
C CYS A 791 -7.39 -37.72 20.94
N GLY A 792 -7.62 -38.92 21.48
CA GLY A 792 -8.46 -39.10 22.63
C GLY A 792 -7.91 -38.45 23.89
N GLU A 793 -6.60 -38.28 24.01
CA GLU A 793 -6.06 -37.72 25.28
C GLU A 793 -5.86 -36.22 25.21
N LEU A 794 -6.19 -35.63 24.06
CA LEU A 794 -5.99 -34.21 23.86
C LEU A 794 -7.15 -33.44 24.43
N LYS A 795 -6.85 -32.66 25.44
CA LYS A 795 -7.85 -31.76 25.98
C LYS A 795 -7.28 -30.35 25.97
N VAL A 796 -7.71 -29.54 25.00
CA VAL A 796 -7.54 -28.08 25.08
C VAL A 796 -8.88 -27.37 25.24
N LYS A 797 -8.83 -26.15 25.77
CA LYS A 797 -9.99 -25.25 25.74
C LYS A 797 -10.18 -24.72 24.30
N ASP A 798 -11.43 -24.50 23.91
CA ASP A 798 -11.80 -24.11 22.54
C ASP A 798 -10.88 -24.67 21.42
N PRO A 799 -10.99 -25.98 21.13
CA PRO A 799 -10.15 -26.54 20.07
C PRO A 799 -10.40 -25.92 18.70
N GLN A 800 -11.55 -25.25 18.53
CA GLN A 800 -11.84 -24.49 17.28
C GLN A 800 -10.87 -23.33 17.12
N SER A 801 -10.39 -22.77 18.24
CA SER A 801 -9.32 -21.77 18.21
C SER A 801 -8.19 -22.26 17.32
N TYR A 802 -8.00 -23.59 17.26
CA TYR A 802 -6.88 -24.21 16.58
C TYR A 802 -7.26 -25.06 15.37
N SER A 803 -8.40 -24.77 14.73
CA SER A 803 -9.03 -25.64 13.68
C SER A 803 -8.95 -27.12 13.99
N PHE A 804 -9.11 -27.48 15.24
CA PHE A 804 -8.98 -28.87 15.64
C PHE A 804 -10.34 -29.52 15.85
N ASN A 805 -10.79 -30.26 14.82
CA ASN A 805 -12.09 -30.96 14.85
C ASN A 805 -11.87 -32.41 14.53
N PRO A 806 -11.47 -33.19 15.54
CA PRO A 806 -11.10 -34.58 15.24
C PRO A 806 -12.32 -35.36 14.70
N LYS A 807 -13.53 -34.93 15.08
CA LYS A 807 -14.76 -35.57 14.63
C LYS A 807 -15.05 -35.36 13.13
N ASP A 808 -14.81 -34.17 12.62
CA ASP A 808 -14.98 -33.97 11.20
C ASP A 808 -13.93 -34.62 10.37
N LEU A 809 -12.70 -34.62 10.86
CA LEU A 809 -11.62 -35.22 10.14
C LEU A 809 -11.88 -36.73 10.06
N LEU A 810 -12.40 -37.31 11.14
CA LEU A 810 -12.71 -38.72 11.19
C LEU A 810 -13.84 -39.00 10.19
N LYS A 811 -14.81 -38.10 10.18
CA LYS A 811 -15.95 -38.22 9.26
C LYS A 811 -15.45 -38.21 7.80
N ALA A 812 -14.61 -37.24 7.46
CA ALA A 812 -14.07 -37.18 6.10
C ALA A 812 -13.20 -38.41 5.79
N LEU A 813 -12.37 -38.82 6.73
CA LEU A 813 -11.45 -39.92 6.50
C LEU A 813 -12.24 -41.19 6.17
N THR A 814 -13.25 -41.48 6.98
CA THR A 814 -14.02 -42.69 6.82
C THR A 814 -14.81 -42.66 5.52
N THR A 815 -15.16 -41.45 5.03
CA THR A 815 -15.85 -41.32 3.75
C THR A 815 -14.94 -41.69 2.58
N VAL A 816 -13.66 -41.35 2.69
CA VAL A 816 -12.71 -41.75 1.69
C VAL A 816 -12.64 -43.30 1.60
N TYR A 817 -12.49 -43.98 2.72
CA TYR A 817 -12.56 -45.43 2.67
C TYR A 817 -13.78 -45.87 1.90
N ILE A 818 -14.93 -45.30 2.23
CA ILE A 818 -16.17 -45.71 1.57
C ILE A 818 -16.12 -45.48 0.08
N ASN A 819 -15.67 -44.29 -0.30
CA ASN A 819 -15.60 -43.91 -1.70
C ASN A 819 -14.64 -44.79 -2.54
N LEU A 820 -13.66 -45.42 -1.88
CA LEU A 820 -12.74 -46.29 -2.60
C LEU A 820 -13.10 -47.75 -2.34
N SER A 821 -14.17 -47.95 -1.60
CA SER A 821 -14.48 -49.29 -1.13
C SER A 821 -14.79 -50.26 -2.26
N GLU A 822 -15.10 -49.78 -3.47
CA GLU A 822 -15.28 -50.76 -4.57
C GLU A 822 -14.11 -50.96 -5.55
N GLN A 823 -12.92 -50.52 -5.15
CA GLN A 823 -11.74 -50.62 -5.96
C GLN A 823 -10.94 -51.70 -5.31
N SER A 824 -10.85 -52.85 -5.96
CA SER A 824 -10.19 -54.01 -5.39
C SER A 824 -8.69 -53.80 -5.04
N GLU A 825 -8.00 -52.94 -5.78
CA GLU A 825 -6.59 -52.60 -5.46
C GLU A 825 -6.53 -51.91 -4.10
N PHE A 826 -7.56 -51.10 -3.81
CA PHE A 826 -7.62 -50.44 -2.54
C PHE A 826 -7.96 -51.40 -1.42
N ILE A 827 -8.92 -52.30 -1.66
CA ILE A 827 -9.31 -53.26 -0.65
C ILE A 827 -8.12 -54.12 -0.29
N SER A 828 -7.33 -54.42 -1.30
CA SER A 828 -6.18 -55.25 -1.13
C SER A 828 -5.03 -54.47 -0.45
N ALA A 829 -4.77 -53.24 -0.86
CA ALA A 829 -3.76 -52.39 -0.21
C ALA A 829 -4.02 -52.23 1.28
N VAL A 830 -5.24 -51.87 1.63
CA VAL A 830 -5.69 -51.78 3.02
C VAL A 830 -5.57 -53.11 3.77
N ALA A 831 -5.86 -54.23 3.10
CA ALA A 831 -5.82 -55.50 3.82
C ALA A 831 -4.39 -55.94 4.09
N LYS A 832 -3.46 -55.40 3.33
CA LYS A 832 -2.07 -55.87 3.36
C LYS A 832 -1.18 -54.96 4.17
N ASP A 833 -1.72 -53.82 4.61
CA ASP A 833 -0.99 -52.88 5.40
C ASP A 833 -0.81 -53.38 6.83
N GLU A 834 0.28 -54.08 7.08
CA GLU A 834 0.48 -54.72 8.39
C GLU A 834 0.70 -53.71 9.54
N ARG A 835 1.18 -52.52 9.20
CA ARG A 835 1.53 -51.50 10.19
C ARG A 835 0.33 -50.95 10.97
N SER A 836 -0.72 -50.53 10.26
CA SER A 836 -1.94 -50.00 10.90
C SER A 836 -3.25 -50.86 10.86
N PHE A 837 -3.52 -51.51 9.73
CA PHE A 837 -4.80 -52.18 9.55
C PHE A 837 -5.15 -53.09 10.69
N ASN A 838 -6.43 -53.01 11.08
CA ASN A 838 -7.05 -53.72 12.19
C ASN A 838 -8.56 -53.41 12.07
N ARG A 839 -9.38 -54.44 11.87
CA ARG A 839 -10.84 -54.21 11.78
C ARG A 839 -11.38 -53.35 12.95
N ASN A 840 -10.91 -53.62 14.15
CA ASN A 840 -11.39 -52.89 15.32
C ASN A 840 -11.29 -51.37 15.19
N LEU A 841 -10.30 -50.87 14.45
CA LEU A 841 -10.22 -49.41 14.23
C LEU A 841 -11.53 -48.88 13.66
N PHE A 842 -12.21 -49.71 12.86
CA PHE A 842 -13.43 -49.26 12.19
C PHE A 842 -14.62 -49.30 13.13
N VAL A 843 -14.59 -50.24 14.07
CA VAL A 843 -15.62 -50.38 15.09
C VAL A 843 -15.55 -49.16 16.02
N ARG A 844 -14.31 -48.76 16.36
CA ARG A 844 -14.09 -47.64 17.26
C ARG A 844 -14.47 -46.35 16.58
N ALA A 845 -14.15 -46.23 15.29
CA ALA A 845 -14.61 -45.11 14.51
C ALA A 845 -16.16 -44.97 14.50
N VAL A 846 -16.86 -46.08 14.39
CA VAL A 846 -18.31 -46.10 14.30
C VAL A 846 -18.90 -45.64 15.62
N ASP A 847 -18.27 -46.07 16.70
CA ASP A 847 -18.72 -45.70 18.02
C ASP A 847 -18.48 -44.21 18.27
N ILE A 848 -17.36 -43.67 17.81
CA ILE A 848 -17.04 -42.27 18.00
C ILE A 848 -17.92 -41.36 17.12
N LEU A 849 -18.07 -41.72 15.85
CA LEU A 849 -18.94 -40.95 14.94
C LEU A 849 -20.35 -40.79 15.49
N GLY A 850 -20.88 -41.85 16.14
CA GLY A 850 -22.21 -41.84 16.75
C GLY A 850 -22.33 -41.04 18.05
N ARG A 851 -21.25 -40.37 18.46
CA ARG A 851 -21.26 -39.49 19.64
C ARG A 851 -21.64 -38.04 19.30
N LYS A 852 -21.59 -37.69 18.03
CA LYS A 852 -22.10 -36.42 17.52
C LYS A 852 -23.36 -36.73 16.70
N THR A 853 -24.54 -36.56 17.30
CA THR A 853 -25.76 -37.02 16.64
C THR A 853 -25.92 -36.35 15.27
N GLY A 854 -26.36 -37.17 14.31
CA GLY A 854 -26.37 -36.79 12.90
C GLY A 854 -25.02 -36.78 12.17
N LEU A 855 -23.91 -37.09 12.85
CA LEU A 855 -22.63 -36.97 12.15
C LEU A 855 -22.59 -37.97 11.01
N ALA A 856 -23.07 -39.17 11.27
CA ALA A 856 -23.01 -40.27 10.33
C ALA A 856 -24.37 -40.92 10.31
N SER A 857 -24.92 -41.12 9.12
CA SER A 857 -26.17 -41.82 8.96
C SER A 857 -26.08 -43.34 9.38
N PRO A 858 -27.21 -44.00 9.71
CA PRO A 858 -27.08 -45.48 9.78
C PRO A 858 -26.58 -46.10 8.46
N GLU A 859 -26.92 -45.49 7.33
CA GLU A 859 -26.54 -45.98 6.01
C GLU A 859 -25.01 -45.90 5.84
N PHE A 860 -24.47 -44.75 6.21
CA PHE A 860 -23.05 -44.53 6.25
C PHE A 860 -22.40 -45.56 7.19
N ILE A 861 -22.99 -45.80 8.35
CA ILE A 861 -22.36 -46.72 9.29
C ILE A 861 -22.29 -48.15 8.74
N GLU A 862 -23.40 -48.65 8.22
CA GLU A 862 -23.41 -49.94 7.53
C GLU A 862 -22.37 -50.01 6.37
N LYS A 863 -22.17 -48.91 5.65
CA LYS A 863 -21.24 -48.94 4.54
C LYS A 863 -19.78 -49.11 4.98
N LEU A 864 -19.42 -48.39 6.03
CA LEU A 864 -18.10 -48.44 6.60
C LEU A 864 -17.78 -49.83 7.12
N LEU A 865 -18.78 -50.43 7.79
CA LEU A 865 -18.67 -51.77 8.26
C LEU A 865 -18.64 -52.79 7.11
N ASN A 866 -19.33 -52.56 5.99
CA ASN A 866 -19.25 -53.52 4.88
C ASN A 866 -17.81 -53.48 4.37
N PHE A 867 -17.25 -52.27 4.32
CA PHE A 867 -15.90 -52.07 3.85
C PHE A 867 -14.90 -52.81 4.74
N ALA A 868 -15.00 -52.61 6.05
CA ALA A 868 -14.05 -53.18 6.98
C ALA A 868 -14.09 -54.69 6.89
N ASN A 869 -15.30 -55.24 6.75
CA ASN A 869 -15.52 -56.68 6.61
C ASN A 869 -14.85 -57.29 5.38
N LYS A 870 -14.95 -56.62 4.24
CA LYS A 870 -14.30 -57.01 2.99
C LYS A 870 -12.77 -57.02 3.16
N ALA A 871 -12.24 -55.97 3.77
CA ALA A 871 -10.83 -55.88 4.09
C ALA A 871 -10.35 -57.01 4.99
N GLU A 872 -11.06 -57.25 6.09
CA GLU A 872 -10.66 -58.30 7.01
C GLU A 872 -10.69 -59.66 6.32
N GLU A 873 -11.61 -59.80 5.38
CA GLU A 873 -11.79 -61.04 4.66
C GLU A 873 -10.69 -61.21 3.58
N GLN A 874 -10.28 -60.10 2.95
CA GLN A 874 -9.13 -60.15 2.03
C GLN A 874 -7.89 -60.57 2.80
N ARG A 875 -7.74 -60.04 4.01
CA ARG A 875 -6.57 -60.32 4.84
C ARG A 875 -6.55 -61.78 5.28
N LYS A 876 -7.72 -62.30 5.64
CA LYS A 876 -7.86 -63.70 6.02
C LYS A 876 -7.53 -64.66 4.88
N ALA A 877 -8.01 -64.34 3.69
CA ALA A 877 -7.73 -65.14 2.48
C ALA A 877 -6.23 -65.17 2.15
N ASP A 878 -5.58 -63.98 2.16
CA ASP A 878 -4.12 -63.80 1.98
C ASP A 878 -3.30 -64.65 2.94
N GLU A 879 -3.68 -64.61 4.20
CA GLU A 879 -3.00 -65.40 5.21
C GLU A 879 -3.24 -66.92 5.07
N GLU A 880 -4.41 -67.28 4.54
CA GLU A 880 -4.70 -68.67 4.23
C GLU A 880 -3.86 -69.10 3.00
N GLU A 881 -3.83 -68.27 1.97
CA GLU A 881 -3.08 -68.55 0.77
C GLU A 881 -1.58 -68.72 1.08
N ASP A 882 -1.10 -67.96 2.05
CA ASP A 882 0.34 -67.99 2.37
C ASP A 882 0.69 -69.23 3.23
N LEU A 883 -0.20 -69.61 4.14
CA LEU A 883 0.05 -70.76 4.98
C LEU A 883 0.07 -72.05 4.16
N GLU A 884 -0.75 -72.09 3.12
CA GLU A 884 -0.99 -73.28 2.35
C GLU A 884 -0.07 -73.33 1.12
N TYR A 885 0.20 -72.20 0.47
CA TYR A 885 0.99 -72.21 -0.75
C TYR A 885 2.27 -71.40 -0.68
N GLY A 886 2.49 -70.65 0.39
CA GLY A 886 3.67 -69.78 0.44
C GLY A 886 4.86 -70.49 1.04
N ASP A 887 5.37 -71.51 0.35
CA ASP A 887 6.46 -72.34 0.92
C ASP A 887 7.88 -71.87 0.60
N VAL A 888 8.00 -70.83 -0.21
CA VAL A 888 9.29 -70.19 -0.39
C VAL A 888 9.21 -68.77 0.20
N PRO A 889 10.09 -68.43 1.17
CA PRO A 889 10.07 -67.06 1.66
C PRO A 889 10.22 -66.07 0.51
N ASP A 890 9.46 -65.02 0.65
CA ASP A 890 9.23 -64.04 -0.32
C ASP A 890 10.45 -63.37 -0.87
N GLU A 891 11.44 -63.09 -0.03
CA GLU A 891 12.61 -62.35 -0.48
C GLU A 891 13.52 -63.24 -1.35
N PHE A 892 13.25 -64.55 -1.38
CA PHE A 892 13.99 -65.48 -2.24
C PHE A 892 13.42 -65.55 -3.66
N LEU A 893 12.24 -64.96 -3.85
CA LEU A 893 11.53 -65.03 -5.13
C LEU A 893 11.87 -63.88 -6.07
N ASP A 894 12.12 -64.24 -7.31
CA ASP A 894 12.35 -63.23 -8.32
C ASP A 894 11.10 -62.36 -8.37
N PRO A 895 11.27 -61.04 -8.52
CA PRO A 895 10.12 -60.11 -8.51
C PRO A 895 9.24 -60.15 -9.78
N LEU A 896 9.82 -60.62 -10.88
CA LEU A 896 9.08 -60.72 -12.13
C LEU A 896 8.76 -62.18 -12.52
N MET A 897 9.62 -63.11 -12.14
CA MET A 897 9.40 -64.51 -12.50
C MET A 897 8.76 -65.37 -11.40
N TYR A 898 8.65 -64.82 -10.19
CA TYR A 898 8.06 -65.51 -9.01
C TYR A 898 8.74 -66.79 -8.54
N THR A 899 9.86 -67.16 -9.16
CA THR A 899 10.60 -68.35 -8.77
C THR A 899 11.84 -68.07 -7.89
N ILE A 900 12.30 -69.08 -7.17
CA ILE A 900 13.55 -69.02 -6.39
C ILE A 900 14.73 -68.51 -7.23
N MET A 901 15.43 -67.48 -6.73
CA MET A 901 16.56 -66.89 -7.45
C MET A 901 17.84 -67.72 -7.32
N LYS A 902 18.57 -67.86 -8.42
CA LYS A 902 19.87 -68.57 -8.41
C LYS A 902 21.02 -67.61 -8.08
N ASP A 903 21.03 -66.48 -8.80
CA ASP A 903 22.09 -65.49 -8.71
C ASP A 903 21.46 -64.10 -8.51
N PRO A 904 21.05 -63.79 -7.27
CA PRO A 904 20.43 -62.48 -7.00
C PRO A 904 21.39 -61.30 -7.17
N VAL A 905 20.90 -60.24 -7.82
CA VAL A 905 21.64 -58.98 -7.96
C VAL A 905 20.74 -57.80 -7.60
N ILE A 906 21.40 -56.71 -7.19
CA ILE A 906 20.73 -55.50 -6.81
C ILE A 906 20.80 -54.51 -7.96
N LEU A 907 19.66 -53.99 -8.36
CA LEU A 907 19.60 -52.91 -9.34
C LEU A 907 20.02 -51.63 -8.66
N PRO A 908 20.93 -50.86 -9.27
CA PRO A 908 21.43 -49.64 -8.60
C PRO A 908 20.40 -48.52 -8.50
N ALA A 909 19.49 -48.39 -9.46
CA ALA A 909 18.50 -47.31 -9.35
C ALA A 909 17.38 -47.68 -8.34
N SER A 910 16.66 -48.79 -8.58
CA SER A 910 15.55 -49.18 -7.72
C SER A 910 15.95 -49.86 -6.41
N LYS A 911 17.14 -50.48 -6.37
CA LYS A 911 17.65 -51.28 -5.25
C LYS A 911 16.85 -52.60 -5.09
N MET A 912 16.16 -53.01 -6.14
CA MET A 912 15.37 -54.19 -6.05
C MET A 912 16.33 -55.37 -6.24
N ASN A 913 16.03 -56.47 -5.55
CA ASN A 913 16.76 -57.70 -5.90
C ASN A 913 16.12 -58.38 -7.06
N ILE A 914 16.92 -58.96 -7.94
CA ILE A 914 16.34 -59.67 -9.09
C ILE A 914 17.33 -60.71 -9.52
N ASP A 915 16.89 -61.77 -10.21
CA ASP A 915 17.83 -62.82 -10.60
C ASP A 915 18.72 -62.36 -11.78
N ARG A 916 20.01 -62.71 -11.81
CA ARG A 916 20.86 -62.25 -12.92
C ARG A 916 20.22 -62.56 -14.30
N SER A 917 19.77 -63.80 -14.49
CA SER A 917 19.06 -64.17 -15.73
C SER A 917 17.80 -63.31 -16.05
N THR A 918 17.06 -62.85 -15.04
CA THR A 918 15.88 -62.02 -15.33
C THR A 918 16.28 -60.62 -15.86
N ILE A 919 17.20 -59.96 -15.16
CA ILE A 919 17.61 -58.63 -15.58
C ILE A 919 18.31 -58.75 -16.94
N LYS A 920 19.10 -59.81 -17.11
CA LYS A 920 19.76 -60.01 -18.37
C LYS A 920 18.72 -60.12 -19.47
N ALA A 921 17.68 -60.91 -19.22
CA ALA A 921 16.61 -61.05 -20.23
C ALA A 921 15.84 -59.74 -20.42
N HIS A 922 15.78 -58.92 -19.39
CA HIS A 922 15.18 -57.58 -19.53
C HIS A 922 16.00 -56.62 -20.37
N LEU A 923 17.26 -56.45 -19.99
CA LEU A 923 18.20 -55.49 -20.62
C LEU A 923 18.53 -55.90 -22.02
N LEU A 924 18.39 -57.19 -22.31
CA LEU A 924 18.46 -57.64 -23.69
C LEU A 924 17.58 -56.81 -24.68
N SER A 925 16.39 -56.37 -24.23
CA SER A 925 15.45 -55.70 -25.15
C SER A 925 15.01 -54.30 -24.71
N ASP A 926 15.43 -53.91 -23.50
CA ASP A 926 14.94 -52.72 -22.85
C ASP A 926 15.98 -52.24 -21.81
N SER A 927 16.74 -51.22 -22.18
CA SER A 927 17.93 -50.78 -21.41
C SER A 927 17.67 -49.97 -20.14
N THR A 928 16.81 -50.49 -19.27
CA THR A 928 16.32 -49.70 -18.14
C THR A 928 16.11 -50.60 -16.96
N ASP A 929 16.19 -50.02 -15.78
CA ASP A 929 15.64 -50.62 -14.57
C ASP A 929 14.16 -50.89 -14.86
N PRO A 930 13.73 -52.15 -14.75
CA PRO A 930 12.31 -52.42 -15.06
C PRO A 930 11.35 -51.83 -14.02
N PHE A 931 11.86 -51.35 -12.88
CA PHE A 931 10.90 -50.82 -11.88
C PHE A 931 10.69 -49.33 -11.88
N ASN A 932 11.71 -48.58 -12.29
CA ASN A 932 11.57 -47.12 -12.33
C ASN A 932 11.99 -46.46 -13.66
N ARG A 933 12.28 -47.29 -14.68
CA ARG A 933 12.61 -46.82 -16.03
C ARG A 933 13.96 -46.05 -16.12
N MET A 934 14.78 -46.12 -15.10
CA MET A 934 16.06 -45.44 -15.14
C MET A 934 17.09 -46.17 -15.99
N PRO A 935 17.92 -45.43 -16.77
CA PRO A 935 18.90 -46.11 -17.64
C PRO A 935 19.79 -47.11 -16.89
N LEU A 936 20.05 -48.25 -17.52
CA LEU A 936 20.73 -49.31 -16.85
C LEU A 936 21.48 -50.23 -17.84
N LYS A 937 22.73 -50.52 -17.50
CA LYS A 937 23.59 -51.43 -18.23
C LYS A 937 23.94 -52.60 -17.28
N LEU A 938 24.00 -53.82 -17.84
CA LEU A 938 24.17 -55.06 -17.06
C LEU A 938 25.39 -55.06 -16.13
N GLU A 939 26.48 -54.46 -16.61
CA GLU A 939 27.70 -54.25 -15.83
C GLU A 939 27.41 -53.68 -14.44
N ASP A 940 26.41 -52.81 -14.37
CA ASP A 940 26.17 -52.04 -13.18
C ASP A 940 25.38 -52.77 -12.11
N VAL A 941 24.88 -53.98 -12.36
CA VAL A 941 24.18 -54.67 -11.26
C VAL A 941 25.19 -55.16 -10.22
N THR A 942 24.76 -55.28 -8.96
CA THR A 942 25.67 -55.68 -7.92
C THR A 942 25.26 -57.03 -7.34
N PRO A 943 26.20 -58.00 -7.31
CA PRO A 943 25.99 -59.30 -6.68
C PRO A 943 25.49 -59.17 -5.23
N ASN A 944 24.42 -59.89 -4.89
CA ASN A 944 23.97 -60.01 -3.53
C ASN A 944 24.37 -61.36 -2.94
N GLU A 945 25.64 -61.43 -2.56
CA GLU A 945 26.20 -62.64 -2.04
C GLU A 945 25.49 -63.02 -0.74
N GLU A 946 25.33 -62.06 0.16
CA GLU A 946 24.64 -62.31 1.45
C GLU A 946 23.29 -63.03 1.21
N LEU A 947 22.53 -62.51 0.25
CA LEU A 947 21.24 -63.11 -0.11
C LEU A 947 21.40 -64.51 -0.74
N ARG A 948 22.40 -64.64 -1.60
CA ARG A 948 22.70 -65.90 -2.30
C ARG A 948 22.98 -66.99 -1.29
N GLN A 949 23.61 -66.61 -0.17
CA GLN A 949 23.95 -67.56 0.89
C GLN A 949 22.70 -67.96 1.67
N LYS A 950 21.71 -67.07 1.75
CA LYS A 950 20.49 -67.45 2.46
C LYS A 950 19.73 -68.48 1.63
N ILE A 951 19.65 -68.25 0.33
CA ILE A 951 18.91 -69.12 -0.58
C ILE A 951 19.52 -70.51 -0.62
N LEU A 952 20.86 -70.56 -0.64
CA LEU A 952 21.59 -71.80 -0.58
C LEU A 952 21.33 -72.58 0.72
N CYS A 953 21.53 -71.91 1.86
CA CYS A 953 21.23 -72.48 3.17
C CYS A 953 19.82 -73.06 3.14
N PHE A 954 18.87 -72.25 2.63
CA PHE A 954 17.48 -72.65 2.47
C PHE A 954 17.26 -73.91 1.60
N LYS A 955 17.88 -73.96 0.43
CA LYS A 955 17.71 -75.11 -0.48
C LYS A 955 18.26 -76.39 0.11
N LYS A 956 19.27 -76.23 0.96
CA LYS A 956 19.89 -77.34 1.68
C LYS A 956 18.99 -77.88 2.81
N GLN A 957 18.29 -76.98 3.50
CA GLN A 957 17.32 -77.36 4.54
C GLN A 957 16.18 -78.25 3.99
N LYS A 958 15.75 -77.95 2.76
CA LYS A 958 14.65 -78.66 2.11
C LYS A 958 15.08 -79.94 1.44
N LYS A 959 16.35 -80.00 1.02
CA LYS A 959 16.94 -81.11 0.28
C LYS A 959 16.96 -82.37 1.14
N GLU A 960 17.00 -82.15 2.45
CA GLU A 960 17.18 -83.21 3.42
C GLU A 960 15.90 -83.99 3.78
N GLU A 961 14.74 -83.50 3.30
CA GLU A 961 13.47 -84.24 3.43
C GLU A 961 13.15 -85.10 2.19
N ALA A 962 13.40 -84.54 1.00
CA ALA A 962 13.07 -85.20 -0.29
C ALA A 962 13.86 -86.48 -0.62
N SER B 3 15.09 67.64 -13.81
CA SER B 3 14.29 66.38 -13.88
C SER B 3 13.65 65.99 -12.55
N LEU B 4 14.17 64.93 -11.93
CA LEU B 4 13.42 64.23 -10.89
C LEU B 4 14.00 64.41 -9.49
N THR B 5 13.16 64.16 -8.48
CA THR B 5 13.61 64.20 -7.07
C THR B 5 13.39 62.84 -6.37
N PHE B 6 14.41 62.39 -5.64
CA PHE B 6 14.39 61.09 -4.96
C PHE B 6 14.45 61.26 -3.44
N LYS B 7 13.35 60.97 -2.76
CA LYS B 7 13.27 61.16 -1.30
C LYS B 7 13.52 59.86 -0.50
N ASN B 8 14.19 59.98 0.64
CA ASN B 8 14.39 58.88 1.60
C ASN B 8 13.15 58.70 2.48
N PHE B 9 13.17 57.72 3.38
CA PHE B 9 12.12 57.56 4.38
C PHE B 9 12.09 58.76 5.33
N LYS B 10 13.25 59.07 5.91
CA LYS B 10 13.36 60.10 6.95
C LYS B 10 13.44 61.52 6.36
N LYS B 11 12.77 61.72 5.23
CA LYS B 11 13.04 62.84 4.33
C LYS B 11 14.52 62.77 3.93
N GLU B 12 15.00 63.72 3.13
CA GLU B 12 16.37 63.68 2.57
C GLU B 12 16.20 63.51 1.06
N LYS B 13 16.52 64.56 0.31
CA LYS B 13 16.23 64.58 -1.12
C LYS B 13 17.53 64.49 -1.93
N VAL B 14 17.44 63.87 -3.12
CA VAL B 14 18.59 63.78 -4.03
C VAL B 14 18.16 63.99 -5.50
N PRO B 15 18.37 65.21 -6.03
CA PRO B 15 17.94 65.52 -7.40
C PRO B 15 18.81 64.83 -8.47
N LEU B 16 18.19 64.02 -9.31
CA LEU B 16 18.92 63.45 -10.44
C LEU B 16 18.45 64.00 -11.78
N ASP B 17 19.41 64.25 -12.65
CA ASP B 17 19.14 64.72 -13.99
C ASP B 17 19.16 63.49 -14.88
N LEU B 18 18.01 63.18 -15.47
CA LEU B 18 17.92 62.00 -16.30
C LEU B 18 17.35 62.29 -17.67
N GLU B 19 17.87 61.59 -18.67
CA GLU B 19 17.29 61.60 -20.00
C GLU B 19 16.11 60.62 -20.05
N PRO B 20 15.08 60.92 -20.87
CA PRO B 20 13.91 60.05 -20.82
C PRO B 20 14.15 58.83 -21.70
N SER B 21 15.10 57.99 -21.29
CA SER B 21 15.70 56.99 -22.17
C SER B 21 16.57 56.00 -21.40
N ASN B 22 17.39 56.51 -20.49
CA ASN B 22 18.14 55.62 -19.63
C ASN B 22 17.24 54.78 -18.72
N THR B 23 17.76 53.60 -18.41
CA THR B 23 17.01 52.59 -17.71
C THR B 23 16.98 52.96 -16.25
N ILE B 24 16.13 52.29 -15.51
CA ILE B 24 16.08 52.42 -14.07
C ILE B 24 17.29 51.74 -13.40
N LEU B 25 17.93 50.78 -14.06
CA LEU B 25 19.23 50.28 -13.60
C LEU B 25 20.29 51.38 -13.73
N GLU B 26 20.25 52.13 -14.83
CA GLU B 26 21.14 53.27 -15.03
C GLU B 26 20.88 54.40 -14.03
N THR B 27 19.61 54.59 -13.67
CA THR B 27 19.22 55.56 -12.64
C THR B 27 19.80 55.16 -11.29
N LYS B 28 19.56 53.92 -10.90
CA LYS B 28 20.10 53.37 -9.65
C LYS B 28 21.62 53.54 -9.59
N THR B 29 22.33 53.09 -10.63
CA THR B 29 23.78 53.23 -10.71
C THR B 29 24.19 54.71 -10.52
N LYS B 30 23.33 55.62 -10.96
CA LYS B 30 23.52 57.05 -10.70
C LYS B 30 23.21 57.44 -9.25
N LEU B 31 22.11 56.91 -8.72
CA LEU B 31 21.71 57.19 -7.33
C LEU B 31 22.73 56.59 -6.36
N ALA B 32 23.12 55.34 -6.62
CA ALA B 32 24.19 54.64 -5.89
C ALA B 32 25.50 55.41 -5.87
N GLN B 33 25.88 55.93 -7.03
CA GLN B 33 27.05 56.81 -7.20
C GLN B 33 26.95 58.06 -6.32
N SER B 34 25.76 58.65 -6.30
CA SER B 34 25.42 59.83 -5.50
C SER B 34 25.40 59.56 -3.97
N ILE B 35 25.72 58.33 -3.55
CA ILE B 35 25.92 58.00 -2.14
C ILE B 35 27.22 57.18 -2.02
N SER B 36 27.15 56.04 -1.34
CA SER B 36 28.32 55.19 -1.11
C SER B 36 27.89 53.73 -1.11
N CYS B 37 26.90 53.42 -1.95
CA CYS B 37 26.30 52.09 -1.99
C CYS B 37 26.26 51.48 -3.40
N GLU B 38 25.88 50.21 -3.46
CA GLU B 38 25.68 49.47 -4.71
C GLU B 38 24.25 49.62 -5.27
N GLU B 39 24.13 49.56 -6.59
CA GLU B 39 22.83 49.63 -7.26
C GLU B 39 21.89 48.51 -6.77
N SER B 40 22.46 47.39 -6.34
CA SER B 40 21.72 46.22 -5.85
C SER B 40 20.93 46.46 -4.55
N GLN B 41 21.37 47.42 -3.75
CA GLN B 41 20.69 47.71 -2.49
C GLN B 41 19.53 48.70 -2.65
N ILE B 42 19.37 49.27 -3.85
CA ILE B 42 18.42 50.35 -4.07
C ILE B 42 17.07 49.90 -4.62
N LYS B 43 16.01 50.25 -3.92
CA LYS B 43 14.69 50.03 -4.48
C LYS B 43 14.10 51.39 -4.82
N LEU B 44 13.27 51.44 -5.86
CA LEU B 44 12.61 52.68 -6.26
C LEU B 44 11.11 52.47 -6.35
N ILE B 45 10.35 53.42 -5.84
CA ILE B 45 8.90 53.26 -5.84
C ILE B 45 8.25 54.51 -6.36
N TYR B 46 7.53 54.40 -7.47
CA TYR B 46 6.85 55.56 -7.99
C TYR B 46 5.38 55.30 -8.17
N SER B 47 4.60 56.28 -7.73
CA SER B 47 3.16 56.32 -7.97
C SER B 47 2.46 54.95 -7.96
N GLY B 48 2.58 54.24 -6.85
CA GLY B 48 1.85 52.97 -6.67
C GLY B 48 2.47 51.70 -7.24
N LYS B 49 3.79 51.72 -7.49
CA LYS B 49 4.49 50.56 -8.04
C LYS B 49 6.03 50.59 -7.79
N VAL B 50 6.64 49.42 -7.70
CA VAL B 50 8.10 49.32 -7.64
C VAL B 50 8.58 49.47 -9.07
N LEU B 51 9.64 50.26 -9.26
CA LEU B 51 10.25 50.42 -10.58
C LEU B 51 11.17 49.25 -10.93
N GLN B 52 11.32 48.99 -12.22
CA GLN B 52 12.10 47.86 -12.69
C GLN B 52 13.36 48.22 -13.48
N ASP B 53 14.45 47.56 -13.15
CA ASP B 53 15.77 47.69 -13.80
C ASP B 53 15.80 47.82 -15.35
N SER B 54 14.88 47.15 -16.03
CA SER B 54 14.84 47.17 -17.49
C SER B 54 14.15 48.42 -18.06
N LYS B 55 13.15 48.92 -17.34
CA LYS B 55 12.28 50.01 -17.83
C LYS B 55 13.02 51.35 -17.99
N THR B 56 12.69 52.10 -19.04
CA THR B 56 13.27 53.43 -19.27
C THR B 56 12.48 54.43 -18.45
N VAL B 57 13.13 55.52 -18.02
CA VAL B 57 12.47 56.53 -17.19
C VAL B 57 11.22 57.03 -17.93
N SER B 58 11.32 57.03 -19.25
CA SER B 58 10.19 57.36 -20.15
C SER B 58 9.01 56.39 -20.02
N GLU B 59 9.29 55.09 -20.08
CA GLU B 59 8.23 54.05 -20.00
C GLU B 59 7.52 54.06 -18.66
N CYS B 60 8.16 54.67 -17.65
CA CYS B 60 7.63 54.77 -16.30
C CYS B 60 6.59 55.88 -16.12
N GLY B 61 6.53 56.82 -17.07
CA GLY B 61 5.63 57.96 -16.97
C GLY B 61 6.19 59.00 -16.04
N LEU B 62 7.53 59.08 -15.98
CA LEU B 62 8.18 60.11 -15.19
C LEU B 62 8.47 61.35 -16.03
N LYS B 63 7.99 62.49 -15.56
CA LYS B 63 8.36 63.79 -16.11
C LYS B 63 9.18 64.56 -15.06
N ASP B 64 9.70 65.75 -15.40
CA ASP B 64 10.45 66.54 -14.44
C ASP B 64 9.54 67.24 -13.41
N GLY B 65 10.05 67.34 -12.18
CA GLY B 65 9.27 67.81 -11.03
C GLY B 65 8.81 66.68 -10.13
N ASP B 66 8.77 65.46 -10.70
CA ASP B 66 8.27 64.25 -10.02
C ASP B 66 9.12 63.74 -8.87
N GLN B 67 8.42 63.29 -7.83
CA GLN B 67 9.01 62.71 -6.60
C GLN B 67 8.92 61.15 -6.57
N VAL B 68 10.07 60.49 -6.51
CA VAL B 68 10.13 59.04 -6.37
C VAL B 68 10.92 58.58 -5.14
N VAL B 69 10.24 57.78 -4.31
CA VAL B 69 10.82 57.12 -3.14
C VAL B 69 11.95 56.12 -3.50
N PHE B 70 13.06 56.21 -2.78
CA PHE B 70 14.12 55.21 -2.84
C PHE B 70 14.33 54.58 -1.47
N MET B 71 14.74 53.31 -1.46
CA MET B 71 15.05 52.58 -0.24
C MET B 71 16.40 51.90 -0.39
N VAL B 72 17.23 52.01 0.65
CA VAL B 72 18.56 51.40 0.70
C VAL B 72 18.50 50.15 1.58
N SER B 73 19.35 49.16 1.28
CA SER B 73 19.23 47.85 1.94
C SER B 73 20.51 47.25 2.48
N GLN B 74 20.35 46.46 3.54
CA GLN B 74 21.34 45.52 4.11
C GLN B 74 22.66 45.42 3.32
#